data_3U4R
#
_entry.id   3U4R
#
_cell.length_a   89.922
_cell.length_b   106.681
_cell.length_c   134.317
_cell.angle_alpha   90.00
_cell.angle_beta   90.00
_cell.angle_gamma   90.00
#
_symmetry.space_group_name_H-M   'P 21 21 21'
#
loop_
_entity.id
_entity.type
_entity.pdbx_description
1 polymer 'RNA-directed RNA polymerase'
2 non-polymer 1-[(2-aminopyridin-4-yl)methyl]-5-chloro-N-({3-[(methylsulfonyl)amino]phenyl}sulfonyl)-3-(2-oxo-1,2-dihydropyridin-3-yl)-1H-indole-2-carboxamide
3 water water
#
_entity_poly.entity_id   1
_entity_poly.type   'polypeptide(L)'
_entity_poly.pdbx_seq_one_letter_code
;SMSYTWTGALITPCAAEESKLPINPLSNSLLRHHNMVYATTSRSASLRQKKVTFDRLQVLDDHYRDVLKEMKAKASTVKA
KLLSIEEACKLTPPHSAKSKFGYGAKDVRNLSSRAVNHIRSVWEDLLEDTETPIDTTIMAKSEVFCVQPEKGGRKPARLI
VFPDLGVRVCEKMALYDVVSTLPQAVMGSSYGFQYSPKQRVEFLVNTWKSKKCPMGFSYDTRCFDSTVTESDIRVEESIY
QCCDLAPEARQAIRSLTERLYIGGPLTNSKGQNCGYRRCRASGVLTTSCGNTLTCYLKATAACRAAKLQDCTMLVNGDDL
VVICESAGTQEDAAALRAFTEAMTRYSAPPGDPPQPEYDLELITSCSSNVSVAHDASGKRVYYLTRDPTTPLARAAWETA
RHTPINSWLGNIIMYAPTLWARMILMTHFFSILLAQEQLGKALDCQIYGACYSIEPLDLPQIIERLHGLSAFTLHSYSPG
EINRVASCLRKLGVPPLRTWRHRARSVRAKLLSQGGRAAICGRYLFNWAVRTKLKLTPIPAASQLDLSGWFVAGYSGGDI
YHSLSRARPRLEHHHHHH
;
_entity_poly.pdbx_strand_id   A,B
#
loop_
_chem_comp.id
_chem_comp.type
_chem_comp.name
_chem_comp.formula
08F non-polymer 1-[(2-aminopyridin-4-yl)methyl]-5-chloro-N-({3-[(methylsulfonyl)amino]phenyl}sulfonyl)-3-(2-oxo-1,2-dihydropyridin-3-yl)-1H-indole-2-carboxamide 'C27 H23 Cl N6 O6 S2'
#
# COMPACT_ATOMS: atom_id res chain seq x y z
N SER A 1 -10.56 -19.70 14.68
CA SER A 1 -10.70 -19.28 16.07
C SER A 1 -12.16 -18.93 16.39
N MET A 2 -12.48 -18.91 17.67
CA MET A 2 -13.80 -18.60 18.22
C MET A 2 -14.10 -17.11 18.05
N SER A 3 -15.25 -16.78 17.43
CA SER A 3 -15.69 -15.39 17.20
C SER A 3 -15.72 -14.61 18.53
N TYR A 4 -16.14 -15.30 19.60
CA TYR A 4 -16.18 -14.80 20.96
C TYR A 4 -15.88 -15.90 21.95
N THR A 5 -15.34 -15.49 23.11
CA THR A 5 -15.20 -16.29 24.32
C THR A 5 -15.89 -15.46 25.38
N TRP A 6 -16.44 -16.11 26.40
CA TRP A 6 -17.23 -15.45 27.44
C TRP A 6 -16.77 -15.87 28.84
N THR A 7 -16.71 -14.93 29.79
CA THR A 7 -16.31 -15.21 31.17
C THR A 7 -17.48 -15.75 32.04
N GLY A 8 -18.73 -15.48 31.63
CA GLY A 8 -19.91 -15.83 32.40
C GLY A 8 -20.57 -14.60 32.99
N ALA A 9 -19.83 -13.45 33.02
CA ALA A 9 -20.41 -12.18 33.46
C ALA A 9 -21.48 -11.82 32.41
N LEU A 10 -22.61 -11.29 32.87
CA LEU A 10 -23.75 -10.99 31.99
C LEU A 10 -23.58 -9.72 31.16
N ILE A 11 -24.32 -9.65 30.05
CA ILE A 11 -24.42 -8.43 29.24
C ILE A 11 -25.52 -7.67 29.95
N THR A 12 -25.15 -6.56 30.57
CA THR A 12 -26.01 -5.79 31.46
C THR A 12 -26.55 -4.49 30.88
N PRO A 13 -27.77 -4.06 31.28
CA PRO A 13 -28.26 -2.75 30.83
C PRO A 13 -27.63 -1.63 31.68
N CYS A 14 -27.62 -0.40 31.20
CA CYS A 14 -27.12 0.71 32.02
C CYS A 14 -28.29 1.50 32.65
N ALA A 15 -29.53 1.15 32.28
CA ALA A 15 -30.75 1.74 32.81
C ALA A 15 -31.95 0.76 32.70
N ALA A 16 -33.15 1.22 33.09
CA ALA A 16 -34.38 0.44 32.99
C ALA A 16 -34.64 0.21 31.49
N GLU A 17 -35.07 -0.99 31.10
CA GLU A 17 -35.30 -1.27 29.68
C GLU A 17 -36.76 -1.48 29.39
N GLU A 18 -37.25 -0.82 28.36
CA GLU A 18 -38.64 -0.95 27.95
C GLU A 18 -38.73 -1.92 26.78
N SER A 19 -39.58 -2.94 26.91
CA SER A 19 -39.78 -3.97 25.89
C SER A 19 -41.13 -3.88 25.21
N LYS A 20 -42.07 -3.11 25.78
CA LYS A 20 -43.43 -3.06 25.25
C LYS A 20 -43.80 -1.71 24.70
N LEU A 21 -44.56 -1.68 23.60
CA LEU A 21 -45.03 -0.40 23.05
C LEU A 21 -45.99 0.21 24.09
N PRO A 22 -45.78 1.47 24.54
CA PRO A 22 -46.76 2.06 25.47
C PRO A 22 -48.16 2.17 24.83
N ILE A 23 -49.20 2.30 25.67
CA ILE A 23 -50.59 2.46 25.24
C ILE A 23 -50.79 3.96 25.35
N ASN A 24 -50.63 4.63 24.21
CA ASN A 24 -50.61 6.09 24.10
C ASN A 24 -51.60 6.51 22.99
N PRO A 25 -52.40 7.59 23.18
CA PRO A 25 -53.39 7.93 22.13
C PRO A 25 -52.86 8.26 20.73
N LEU A 26 -51.72 8.94 20.66
CA LEU A 26 -51.07 9.34 19.42
C LEU A 26 -50.48 8.16 18.66
N SER A 27 -49.79 7.23 19.35
CA SER A 27 -49.27 6.04 18.68
C SER A 27 -50.45 5.12 18.35
N ASN A 28 -51.49 5.08 19.20
CA ASN A 28 -52.71 4.30 18.98
C ASN A 28 -53.50 4.72 17.73
N SER A 29 -53.40 5.99 17.32
CA SER A 29 -54.06 6.49 16.12
C SER A 29 -53.37 5.93 14.87
N LEU A 30 -52.09 5.55 15.00
CA LEU A 30 -51.30 4.95 13.92
C LEU A 30 -51.47 3.45 13.85
N LEU A 31 -51.39 2.77 15.01
CA LEU A 31 -51.34 1.33 15.13
C LEU A 31 -52.09 0.91 16.41
N ARG A 32 -53.12 0.07 16.28
CA ARG A 32 -53.93 -0.37 17.43
C ARG A 32 -53.45 -1.64 18.11
N HIS A 33 -52.76 -2.54 17.38
CA HIS A 33 -52.25 -3.80 17.95
C HIS A 33 -50.92 -3.59 18.63
N HIS A 34 -50.89 -2.78 19.71
CA HIS A 34 -49.67 -2.45 20.47
C HIS A 34 -48.87 -3.66 20.97
N ASN A 35 -49.56 -4.78 21.30
CA ASN A 35 -48.92 -5.99 21.82
C ASN A 35 -48.09 -6.73 20.79
N MET A 36 -48.27 -6.36 19.51
CA MET A 36 -47.48 -6.92 18.44
C MET A 36 -46.14 -6.19 18.29
N VAL A 37 -45.99 -5.02 18.93
CA VAL A 37 -44.79 -4.20 18.83
C VAL A 37 -43.93 -4.32 20.07
N TYR A 38 -42.68 -4.74 19.88
CA TYR A 38 -41.73 -4.93 20.98
C TYR A 38 -40.39 -4.31 20.72
N ALA A 39 -39.65 -3.99 21.80
CA ALA A 39 -38.27 -3.54 21.70
C ALA A 39 -37.39 -4.60 22.33
N THR A 40 -36.30 -4.95 21.65
CA THR A 40 -35.31 -5.92 22.12
C THR A 40 -34.60 -5.33 23.34
N THR A 41 -34.19 -6.20 24.29
CA THR A 41 -33.50 -5.77 25.51
C THR A 41 -32.35 -6.74 25.85
N SER A 42 -31.59 -6.45 26.91
CA SER A 42 -30.52 -7.27 27.47
C SER A 42 -31.04 -8.64 27.94
N ARG A 43 -32.38 -8.78 28.16
CA ARG A 43 -33.02 -10.03 28.58
C ARG A 43 -32.87 -11.17 27.58
N SER A 44 -32.67 -10.85 26.29
CA SER A 44 -32.48 -11.85 25.26
C SER A 44 -31.00 -11.96 24.81
N ALA A 45 -30.07 -11.19 25.43
CA ALA A 45 -28.64 -11.16 25.05
C ALA A 45 -27.98 -12.53 24.97
N SER A 46 -28.29 -13.45 25.92
CA SER A 46 -27.71 -14.81 25.94
C SER A 46 -28.10 -15.64 24.75
N LEU A 47 -29.31 -15.40 24.21
CA LEU A 47 -29.78 -16.09 23.02
C LEU A 47 -28.97 -15.63 21.80
N ARG A 48 -28.64 -14.34 21.74
CA ARG A 48 -27.83 -13.76 20.66
C ARG A 48 -26.39 -14.25 20.82
N GLN A 49 -25.86 -14.28 22.05
CA GLN A 49 -24.49 -14.78 22.32
C GLN A 49 -24.27 -16.17 21.73
N LYS A 50 -25.23 -17.07 21.94
CA LYS A 50 -25.16 -18.43 21.41
C LYS A 50 -25.03 -18.45 19.88
N LYS A 51 -25.88 -17.67 19.18
CA LYS A 51 -25.95 -17.59 17.73
C LYS A 51 -24.68 -17.02 17.06
N VAL A 52 -24.09 -16.01 17.71
CA VAL A 52 -22.90 -15.31 17.19
C VAL A 52 -21.57 -15.96 17.61
N THR A 53 -21.60 -16.95 18.51
CA THR A 53 -20.41 -17.64 19.03
C THR A 53 -20.17 -18.95 18.29
N PHE A 54 -19.10 -18.99 17.50
CA PHE A 54 -18.74 -20.17 16.73
C PHE A 54 -17.31 -20.08 16.23
N ASP A 55 -16.77 -21.23 15.84
CA ASP A 55 -15.43 -21.33 15.28
C ASP A 55 -15.49 -20.99 13.81
N ARG A 56 -14.46 -20.28 13.30
CA ARG A 56 -14.38 -19.94 11.88
C ARG A 56 -13.28 -20.77 11.27
N LEU A 57 -13.58 -21.42 10.13
CA LEU A 57 -12.58 -22.24 9.42
C LEU A 57 -12.38 -21.74 7.99
N GLN A 58 -11.68 -20.63 7.86
CA GLN A 58 -11.42 -19.97 6.58
C GLN A 58 -10.35 -20.61 5.70
N VAL A 59 -10.64 -20.77 4.41
CA VAL A 59 -9.68 -21.26 3.42
C VAL A 59 -9.68 -20.26 2.26
N LEU A 60 -8.50 -19.68 1.96
CA LEU A 60 -8.32 -18.73 0.86
C LEU A 60 -7.69 -19.45 -0.32
N ASP A 61 -7.99 -19.01 -1.54
CA ASP A 61 -7.48 -19.65 -2.75
C ASP A 61 -6.99 -18.59 -3.73
N ASP A 62 -6.55 -19.00 -4.93
CA ASP A 62 -6.05 -18.10 -5.96
C ASP A 62 -7.01 -17.02 -6.41
N HIS A 63 -8.30 -17.37 -6.65
CA HIS A 63 -9.28 -16.36 -7.08
C HIS A 63 -9.37 -15.22 -6.05
N TYR A 64 -9.35 -15.56 -4.72
CA TYR A 64 -9.38 -14.61 -3.60
C TYR A 64 -8.14 -13.71 -3.65
N ARG A 65 -6.95 -14.32 -3.80
CA ARG A 65 -5.68 -13.61 -3.88
C ARG A 65 -5.61 -12.72 -5.12
N ASP A 66 -6.15 -13.17 -6.27
CA ASP A 66 -6.19 -12.34 -7.49
C ASP A 66 -7.11 -11.13 -7.30
N VAL A 67 -8.32 -11.36 -6.74
CA VAL A 67 -9.26 -10.23 -6.55
C VAL A 67 -8.62 -9.25 -5.58
N LEU A 68 -8.04 -9.75 -4.46
CA LEU A 68 -7.36 -8.87 -3.49
C LEU A 68 -6.34 -7.95 -4.18
N LYS A 69 -5.47 -8.51 -5.02
CA LYS A 69 -4.46 -7.73 -5.72
C LYS A 69 -5.08 -6.66 -6.65
N GLU A 70 -6.20 -6.99 -7.32
CA GLU A 70 -6.88 -6.02 -8.19
C GLU A 70 -7.45 -4.85 -7.37
N MET A 71 -7.99 -5.16 -6.18
CA MET A 71 -8.55 -4.17 -5.25
C MET A 71 -7.44 -3.25 -4.72
N LYS A 72 -6.28 -3.84 -4.40
CA LYS A 72 -5.10 -3.11 -3.92
C LYS A 72 -4.50 -2.20 -4.98
N ALA A 73 -4.45 -2.62 -6.27
CA ALA A 73 -3.94 -1.74 -7.33
C ALA A 73 -4.84 -0.47 -7.49
N LYS A 74 -6.13 -0.57 -7.12
CA LYS A 74 -7.07 0.58 -7.19
C LYS A 74 -6.94 1.46 -5.94
N ALA A 75 -6.82 0.83 -4.77
CA ALA A 75 -6.60 1.48 -3.47
C ALA A 75 -5.31 2.30 -3.49
N SER A 76 -4.34 1.88 -4.33
CA SER A 76 -3.04 2.53 -4.57
C SER A 76 -3.16 3.96 -5.15
N THR A 77 -4.34 4.29 -5.73
CA THR A 77 -4.57 5.61 -6.34
C THR A 77 -5.03 6.62 -5.33
N VAL A 78 -5.39 6.16 -4.12
CA VAL A 78 -5.96 7.03 -3.08
C VAL A 78 -4.89 7.75 -2.27
N LYS A 79 -5.12 9.04 -2.04
CA LYS A 79 -4.32 9.83 -1.13
C LYS A 79 -5.30 10.26 -0.03
N ALA A 80 -5.05 9.79 1.20
CA ALA A 80 -5.94 10.10 2.33
C ALA A 80 -5.38 11.14 3.29
N LYS A 81 -6.27 11.97 3.81
CA LYS A 81 -5.91 13.03 4.73
C LYS A 81 -6.13 12.67 6.19
N LEU A 82 -5.26 13.21 7.02
CA LEU A 82 -5.31 13.06 8.44
C LEU A 82 -6.18 14.21 8.95
N LEU A 83 -7.24 13.89 9.69
CA LEU A 83 -8.13 14.91 10.23
C LEU A 83 -7.55 15.53 11.47
N SER A 84 -7.75 16.83 11.66
CA SER A 84 -7.28 17.52 12.85
C SER A 84 -8.23 17.15 13.97
N ILE A 85 -7.83 17.37 15.24
CA ILE A 85 -8.68 17.09 16.43
C ILE A 85 -10.03 17.76 16.25
N GLU A 86 -10.00 19.07 15.90
CA GLU A 86 -11.15 19.93 15.68
C GLU A 86 -12.14 19.39 14.66
N GLU A 87 -11.65 18.96 13.49
CA GLU A 87 -12.49 18.40 12.42
C GLU A 87 -13.12 17.09 12.89
N ALA A 88 -12.36 16.25 13.63
CA ALA A 88 -12.85 14.97 14.13
C ALA A 88 -13.89 15.16 15.23
N CYS A 89 -13.71 16.18 16.09
CA CYS A 89 -14.65 16.53 17.16
C CYS A 89 -15.99 16.91 16.56
N LYS A 90 -15.98 17.70 15.47
CA LYS A 90 -17.18 18.18 14.80
C LYS A 90 -18.01 17.06 14.12
N LEU A 91 -17.42 15.88 13.90
CA LEU A 91 -18.08 14.72 13.32
C LEU A 91 -18.72 13.84 14.38
N THR A 92 -18.58 14.19 15.66
CA THR A 92 -19.14 13.46 16.78
C THR A 92 -20.57 13.91 17.03
N PRO A 93 -21.53 12.95 17.00
CA PRO A 93 -22.94 13.30 17.29
C PRO A 93 -23.09 13.89 18.69
N PRO A 94 -23.88 14.99 18.83
CA PRO A 94 -24.11 15.58 20.18
C PRO A 94 -24.50 14.61 21.30
N HIS A 95 -25.18 13.51 20.97
CA HIS A 95 -25.61 12.53 21.96
C HIS A 95 -24.77 11.25 22.00
N SER A 96 -23.57 11.26 21.37
CA SER A 96 -22.67 10.11 21.38
C SER A 96 -22.36 9.73 22.83
N ALA A 97 -22.17 8.44 23.14
CA ALA A 97 -21.87 7.97 24.50
C ALA A 97 -20.71 8.75 25.13
N LYS A 98 -20.88 9.24 26.37
CA LYS A 98 -19.83 9.99 27.05
C LYS A 98 -18.57 9.14 27.30
N SER A 99 -17.45 9.82 27.54
CA SER A 99 -16.22 9.11 27.83
C SER A 99 -16.25 8.70 29.31
N LYS A 100 -15.48 7.69 29.67
CA LYS A 100 -15.37 7.33 31.07
C LYS A 100 -14.27 8.21 31.69
N PHE A 101 -13.67 9.09 30.87
CA PHE A 101 -12.57 9.96 31.27
C PHE A 101 -12.93 11.42 31.63
N GLY A 102 -14.18 11.59 32.10
CA GLY A 102 -14.66 12.87 32.64
C GLY A 102 -15.20 13.91 31.69
N TYR A 103 -15.64 13.51 30.49
CA TYR A 103 -16.22 14.43 29.53
C TYR A 103 -17.19 13.67 28.62
N GLY A 104 -18.05 14.42 27.97
CA GLY A 104 -19.02 13.86 27.04
C GLY A 104 -18.90 14.47 25.67
N ALA A 105 -19.81 14.07 24.78
CA ALA A 105 -19.90 14.49 23.38
C ALA A 105 -20.05 16.00 23.23
N LYS A 106 -20.81 16.68 24.13
CA LYS A 106 -20.99 18.15 24.09
C LYS A 106 -19.67 18.83 24.31
N ASP A 107 -18.84 18.28 25.22
CA ASP A 107 -17.50 18.78 25.53
C ASP A 107 -16.60 18.58 24.34
N VAL A 108 -16.73 17.42 23.65
CA VAL A 108 -15.97 17.13 22.43
C VAL A 108 -16.30 18.20 21.37
N ARG A 109 -17.60 18.39 21.07
CA ARG A 109 -18.08 19.38 20.10
C ARG A 109 -17.69 20.82 20.45
N ASN A 110 -17.65 21.18 21.75
CA ASN A 110 -17.24 22.53 22.16
C ASN A 110 -15.72 22.68 22.23
N LEU A 111 -14.97 21.59 21.91
CA LEU A 111 -13.50 21.58 21.95
C LEU A 111 -13.01 21.91 23.37
N SER A 112 -13.69 21.38 24.41
CA SER A 112 -13.32 21.63 25.80
C SER A 112 -11.91 21.12 26.03
N SER A 113 -11.15 21.85 26.83
CA SER A 113 -9.77 21.52 27.17
C SER A 113 -9.61 20.07 27.68
N ARG A 114 -10.50 19.60 28.59
CA ARG A 114 -10.45 18.24 29.11
C ARG A 114 -10.62 17.19 27.98
N ALA A 115 -11.62 17.39 27.12
CA ALA A 115 -11.92 16.53 25.98
C ALA A 115 -10.71 16.49 25.03
N VAL A 116 -10.31 17.68 24.53
CA VAL A 116 -9.18 17.86 23.61
C VAL A 116 -7.85 17.26 24.14
N ASN A 117 -7.54 17.48 25.43
CA ASN A 117 -6.34 16.95 26.07
C ASN A 117 -6.35 15.44 26.12
N HIS A 118 -7.49 14.86 26.52
CA HIS A 118 -7.63 13.42 26.58
C HIS A 118 -7.51 12.75 25.18
N ILE A 119 -8.18 13.31 24.15
CA ILE A 119 -8.12 12.83 22.76
C ILE A 119 -6.66 12.84 22.28
N ARG A 120 -5.92 13.94 22.55
CA ARG A 120 -4.50 14.04 22.19
C ARG A 120 -3.68 12.94 22.91
N SER A 121 -3.96 12.68 24.20
CA SER A 121 -3.25 11.61 24.92
C SER A 121 -3.58 10.21 24.33
N VAL A 122 -4.83 9.98 23.86
CA VAL A 122 -5.25 8.70 23.24
C VAL A 122 -4.52 8.54 21.90
N TRP A 123 -4.44 9.63 21.10
CA TRP A 123 -3.73 9.67 19.83
C TRP A 123 -2.22 9.34 20.04
N GLU A 124 -1.55 10.02 20.97
CA GLU A 124 -0.14 9.72 21.27
C GLU A 124 0.02 8.27 21.72
N ASP A 125 -0.92 7.73 22.50
CA ASP A 125 -0.87 6.32 22.92
C ASP A 125 -0.96 5.36 21.71
N LEU A 126 -1.77 5.67 20.68
CA LEU A 126 -1.89 4.81 19.49
C LEU A 126 -0.57 4.79 18.72
N LEU A 127 0.12 5.93 18.67
CA LEU A 127 1.43 6.07 18.01
C LEU A 127 2.51 5.31 18.74
N GLU A 128 2.51 5.29 20.08
CA GLU A 128 3.58 4.66 20.85
C GLU A 128 3.37 3.19 21.11
N ASP A 129 2.12 2.79 21.32
CA ASP A 129 1.79 1.42 21.71
C ASP A 129 1.06 0.73 20.58
N THR A 130 1.71 -0.31 20.03
CA THR A 130 1.23 -1.11 18.89
C THR A 130 0.50 -2.40 19.30
N GLU A 131 0.48 -2.71 20.60
CA GLU A 131 -0.02 -3.98 21.09
C GLU A 131 -1.17 -3.98 22.09
N THR A 132 -1.12 -3.15 23.15
CA THR A 132 -2.15 -3.21 24.22
C THR A 132 -3.59 -3.28 23.70
N PRO A 133 -4.36 -4.37 23.96
CA PRO A 133 -5.74 -4.38 23.45
C PRO A 133 -6.55 -3.24 24.07
N ILE A 134 -7.38 -2.61 23.23
CA ILE A 134 -8.20 -1.47 23.65
C ILE A 134 -9.50 -1.99 24.21
N ASP A 135 -9.90 -1.46 25.37
CA ASP A 135 -11.16 -1.81 26.01
C ASP A 135 -12.34 -1.44 25.11
N THR A 136 -13.40 -2.26 25.18
CA THR A 136 -14.67 -2.03 24.48
C THR A 136 -15.80 -2.37 25.44
N THR A 137 -16.93 -1.69 25.27
CA THR A 137 -18.12 -1.98 26.04
C THR A 137 -19.01 -2.82 25.14
N ILE A 138 -19.59 -3.85 25.72
CA ILE A 138 -20.58 -4.64 25.03
C ILE A 138 -21.98 -4.29 25.60
N MET A 139 -22.94 -4.02 24.69
CA MET A 139 -24.32 -3.69 25.07
C MET A 139 -25.30 -4.45 24.22
N ALA A 140 -26.49 -4.77 24.79
CA ALA A 140 -27.57 -5.32 23.97
C ALA A 140 -28.26 -4.11 23.34
N LYS A 141 -28.43 -4.15 22.02
CA LYS A 141 -29.05 -3.09 21.23
C LYS A 141 -30.57 -3.03 21.51
N SER A 142 -31.15 -1.82 21.59
CA SER A 142 -32.59 -1.68 21.81
C SER A 142 -33.21 -1.35 20.45
N GLU A 143 -33.86 -2.33 19.80
CA GLU A 143 -34.49 -2.13 18.49
C GLU A 143 -35.92 -2.61 18.51
N VAL A 144 -36.78 -1.94 17.74
CA VAL A 144 -38.20 -2.23 17.70
C VAL A 144 -38.59 -3.06 16.48
N PHE A 145 -39.40 -4.13 16.70
CA PHE A 145 -39.91 -4.98 15.65
C PHE A 145 -41.39 -5.32 15.85
N CYS A 146 -41.94 -5.99 14.86
CA CYS A 146 -43.28 -6.51 14.96
C CYS A 146 -43.08 -8.00 15.14
N VAL A 147 -43.81 -8.61 16.07
CA VAL A 147 -43.74 -10.05 16.34
C VAL A 147 -44.04 -10.84 15.04
N GLN A 148 -43.38 -12.01 14.86
CA GLN A 148 -43.53 -12.93 13.71
C GLN A 148 -43.39 -12.26 12.35
N ARG A 154 -39.78 -13.88 18.65
CA ARG A 154 -39.17 -12.56 18.78
C ARG A 154 -37.68 -12.63 18.57
N LYS A 155 -37.14 -11.64 17.86
CA LYS A 155 -35.71 -11.59 17.57
C LYS A 155 -34.95 -11.25 18.85
N PRO A 156 -33.84 -11.97 19.16
CA PRO A 156 -33.02 -11.57 20.33
C PRO A 156 -32.31 -10.25 20.01
N ALA A 157 -31.92 -9.51 21.04
CA ALA A 157 -31.20 -8.25 20.86
C ALA A 157 -29.91 -8.44 20.10
N ARG A 158 -29.54 -7.48 19.25
CA ARG A 158 -28.23 -7.52 18.60
C ARG A 158 -27.25 -6.96 19.63
N LEU A 159 -26.01 -7.38 19.52
CA LEU A 159 -24.97 -6.96 20.44
C LEU A 159 -24.10 -5.88 19.82
N ILE A 160 -23.93 -4.77 20.54
CA ILE A 160 -23.08 -3.70 20.02
C ILE A 160 -21.81 -3.65 20.84
N VAL A 161 -20.68 -3.45 20.15
CA VAL A 161 -19.33 -3.42 20.71
C VAL A 161 -18.66 -2.13 20.24
N PHE A 162 -18.21 -1.29 21.19
CA PHE A 162 -17.59 0.01 20.83
C PHE A 162 -16.52 0.45 21.82
N PRO A 163 -15.49 1.22 21.37
CA PRO A 163 -14.48 1.70 22.34
C PRO A 163 -14.95 3.04 22.93
N ASP A 164 -14.16 3.60 23.85
CA ASP A 164 -14.46 4.87 24.50
C ASP A 164 -14.45 6.02 23.47
N LEU A 165 -15.18 7.11 23.78
CA LEU A 165 -15.28 8.33 23.01
C LEU A 165 -13.92 8.89 22.54
N GLY A 166 -12.91 8.95 23.42
CA GLY A 166 -11.58 9.44 23.04
C GLY A 166 -10.99 8.67 21.87
N VAL A 167 -11.14 7.33 21.89
CA VAL A 167 -10.70 6.42 20.84
C VAL A 167 -11.53 6.66 19.56
N ARG A 168 -12.86 6.83 19.70
CA ARG A 168 -13.71 7.06 18.53
C ARG A 168 -13.29 8.34 17.80
N VAL A 169 -12.87 9.37 18.54
CA VAL A 169 -12.40 10.63 17.92
C VAL A 169 -11.06 10.38 17.15
N CYS A 170 -10.15 9.56 17.73
CA CYS A 170 -8.90 9.15 17.10
C CYS A 170 -9.12 8.35 15.84
N GLU A 171 -10.09 7.41 15.83
CA GLU A 171 -10.49 6.67 14.63
C GLU A 171 -10.79 7.61 13.47
N LYS A 172 -11.56 8.71 13.73
CA LYS A 172 -11.92 9.69 12.70
C LYS A 172 -10.66 10.39 12.15
N MET A 173 -9.79 10.85 13.04
CA MET A 173 -8.55 11.52 12.62
C MET A 173 -7.73 10.70 11.64
N ALA A 174 -7.58 9.41 11.93
CA ALA A 174 -6.79 8.53 11.10
C ALA A 174 -7.53 7.93 9.89
N LEU A 175 -8.83 7.60 10.05
CA LEU A 175 -9.55 6.85 9.02
C LEU A 175 -10.78 7.44 8.38
N TYR A 176 -11.30 8.57 8.89
CA TYR A 176 -12.49 9.16 8.28
C TYR A 176 -12.36 9.34 6.79
N ASP A 177 -11.28 10.00 6.33
CA ASP A 177 -11.05 10.24 4.93
C ASP A 177 -10.89 8.95 4.15
N VAL A 178 -10.14 7.94 4.68
CA VAL A 178 -9.98 6.60 4.05
C VAL A 178 -11.37 5.92 3.87
N VAL A 179 -12.16 5.82 4.96
CA VAL A 179 -13.47 5.14 4.89
C VAL A 179 -14.49 5.86 4.01
N SER A 180 -14.27 7.14 3.76
CA SER A 180 -15.15 7.96 2.95
C SER A 180 -14.81 7.90 1.46
N THR A 181 -13.51 7.75 1.13
CA THR A 181 -13.06 7.83 -0.26
C THR A 181 -12.58 6.54 -0.86
N LEU A 182 -11.91 5.70 -0.07
CA LEU A 182 -11.37 4.45 -0.58
C LEU A 182 -12.42 3.46 -1.11
N PRO A 183 -13.58 3.22 -0.46
CA PRO A 183 -14.51 2.21 -1.01
C PRO A 183 -14.91 2.42 -2.48
N GLN A 184 -15.22 3.67 -2.89
CA GLN A 184 -15.57 3.97 -4.27
C GLN A 184 -14.38 3.86 -5.21
N ALA A 185 -13.18 4.25 -4.74
CA ALA A 185 -11.98 4.10 -5.57
C ALA A 185 -11.67 2.61 -5.87
N VAL A 186 -11.96 1.71 -4.92
CA VAL A 186 -11.71 0.26 -5.03
C VAL A 186 -12.81 -0.52 -5.77
N MET A 187 -14.09 -0.24 -5.43
CA MET A 187 -15.20 -1.02 -5.94
C MET A 187 -16.04 -0.36 -7.02
N GLY A 188 -15.74 0.91 -7.31
CA GLY A 188 -16.41 1.71 -8.33
C GLY A 188 -17.92 1.62 -8.23
N SER A 189 -18.59 1.30 -9.37
CA SER A 189 -20.05 1.21 -9.49
C SER A 189 -20.72 0.18 -8.57
N SER A 190 -19.94 -0.78 -8.03
CA SER A 190 -20.44 -1.79 -7.10
C SER A 190 -20.65 -1.25 -5.67
N TYR A 191 -20.03 -0.09 -5.32
CA TYR A 191 -20.16 0.48 -3.97
C TYR A 191 -21.55 1.11 -3.82
N GLY A 192 -22.42 0.47 -3.03
CA GLY A 192 -23.81 0.90 -2.91
C GLY A 192 -24.05 2.24 -2.25
N PHE A 193 -23.19 2.64 -1.31
CA PHE A 193 -23.38 3.87 -0.55
C PHE A 193 -23.19 5.18 -1.32
N GLN A 194 -22.70 5.11 -2.57
CA GLN A 194 -22.51 6.29 -3.42
C GLN A 194 -23.84 6.71 -4.06
N TYR A 195 -24.89 5.88 -3.90
CA TYR A 195 -26.17 6.14 -4.55
C TYR A 195 -27.24 6.58 -3.60
N SER A 196 -28.07 7.51 -4.09
CA SER A 196 -29.28 7.93 -3.40
C SER A 196 -30.27 6.76 -3.72
N PRO A 197 -31.47 6.65 -3.10
CA PRO A 197 -32.38 5.57 -3.53
C PRO A 197 -32.73 5.62 -5.03
N LYS A 198 -32.90 6.81 -5.64
CA LYS A 198 -33.19 6.94 -7.08
C LYS A 198 -32.03 6.42 -7.95
N GLN A 199 -30.80 6.70 -7.55
CA GLN A 199 -29.60 6.25 -8.29
C GLN A 199 -29.40 4.76 -8.08
N ARG A 200 -29.79 4.23 -6.89
CA ARG A 200 -29.72 2.79 -6.65
C ARG A 200 -30.74 2.13 -7.56
N VAL A 201 -31.98 2.70 -7.61
CA VAL A 201 -33.01 2.16 -8.51
C VAL A 201 -32.47 2.14 -9.96
N GLU A 202 -31.90 3.28 -10.43
CA GLU A 202 -31.37 3.44 -11.79
C GLU A 202 -30.27 2.40 -12.10
N PHE A 203 -29.28 2.24 -11.21
CA PHE A 203 -28.21 1.24 -11.39
C PHE A 203 -28.79 -0.16 -11.47
N LEU A 204 -29.69 -0.56 -10.53
CA LEU A 204 -30.29 -1.90 -10.55
C LEU A 204 -31.06 -2.17 -11.84
N VAL A 205 -31.92 -1.22 -12.25
CA VAL A 205 -32.75 -1.34 -13.46
C VAL A 205 -31.86 -1.41 -14.73
N ASN A 206 -30.88 -0.49 -14.86
CA ASN A 206 -29.97 -0.47 -16.01
C ASN A 206 -29.15 -1.75 -16.08
N THR A 207 -28.63 -2.22 -14.92
CA THR A 207 -27.88 -3.48 -14.83
C THR A 207 -28.76 -4.64 -15.30
N TRP A 208 -29.99 -4.74 -14.73
CA TRP A 208 -30.97 -5.79 -15.08
C TRP A 208 -31.19 -5.84 -16.60
N LYS A 209 -31.57 -4.71 -17.21
CA LYS A 209 -31.82 -4.68 -18.65
C LYS A 209 -30.60 -4.76 -19.57
N SER A 210 -29.39 -4.50 -19.03
CA SER A 210 -28.16 -4.58 -19.81
C SER A 210 -27.76 -6.03 -20.10
N LYS A 211 -28.42 -7.02 -19.44
CA LYS A 211 -28.16 -8.45 -19.66
C LYS A 211 -29.10 -8.99 -20.73
N LYS A 212 -28.64 -9.97 -21.52
CA LYS A 212 -29.44 -10.63 -22.56
C LYS A 212 -30.59 -11.42 -21.90
N CYS A 213 -30.26 -12.21 -20.88
CA CYS A 213 -31.19 -13.01 -20.10
C CYS A 213 -30.73 -12.87 -18.64
N PRO A 214 -31.23 -11.83 -17.92
CA PRO A 214 -30.75 -11.61 -16.54
C PRO A 214 -31.19 -12.60 -15.48
N MET A 215 -30.28 -12.87 -14.55
CA MET A 215 -30.51 -13.66 -13.36
C MET A 215 -29.90 -12.84 -12.23
N GLY A 216 -30.59 -12.77 -11.12
CA GLY A 216 -30.10 -12.06 -9.96
C GLY A 216 -30.39 -12.81 -8.68
N PHE A 217 -29.63 -12.48 -7.63
CA PHE A 217 -29.82 -13.07 -6.32
C PHE A 217 -29.28 -12.20 -5.23
N SER A 218 -29.94 -12.26 -4.07
CA SER A 218 -29.43 -11.61 -2.89
C SER A 218 -28.68 -12.71 -2.16
N TYR A 219 -27.61 -12.35 -1.44
CA TYR A 219 -26.90 -13.35 -0.67
C TYR A 219 -26.85 -12.90 0.75
N ASP A 220 -27.52 -13.64 1.65
CA ASP A 220 -27.55 -13.33 3.07
C ASP A 220 -26.51 -14.15 3.81
N THR A 221 -25.45 -13.51 4.32
CA THR A 221 -24.44 -14.23 5.13
C THR A 221 -25.00 -14.27 6.56
N ARG A 222 -24.98 -15.42 7.25
CA ARG A 222 -25.49 -15.42 8.62
C ARG A 222 -24.51 -14.78 9.61
N CYS A 223 -24.98 -13.81 10.42
CA CYS A 223 -24.18 -13.12 11.45
C CYS A 223 -22.84 -12.69 10.86
N PHE A 224 -22.88 -11.91 9.77
CA PHE A 224 -21.68 -11.47 9.03
C PHE A 224 -20.53 -10.97 9.90
N ASP A 225 -20.80 -10.10 10.90
CA ASP A 225 -19.74 -9.58 11.76
C ASP A 225 -18.96 -10.72 12.48
N SER A 226 -19.65 -11.81 12.89
CA SER A 226 -18.99 -12.95 13.55
C SER A 226 -18.17 -13.75 12.56
N THR A 227 -18.53 -13.74 11.26
CA THR A 227 -17.82 -14.48 10.20
C THR A 227 -16.48 -13.81 9.83
N VAL A 228 -16.33 -12.53 10.16
CA VAL A 228 -15.12 -11.76 9.86
C VAL A 228 -13.96 -12.21 10.74
N THR A 229 -12.95 -12.78 10.11
CA THR A 229 -11.77 -13.33 10.80
C THR A 229 -10.68 -12.29 11.01
N GLU A 230 -9.66 -12.68 11.76
CA GLU A 230 -8.47 -11.87 12.00
C GLU A 230 -7.75 -11.65 10.69
N SER A 231 -7.70 -12.67 9.81
CA SER A 231 -7.08 -12.55 8.49
C SER A 231 -7.85 -11.51 7.66
N ASP A 232 -9.20 -11.54 7.71
CA ASP A 232 -10.00 -10.56 6.96
C ASP A 232 -9.68 -9.11 7.37
N ILE A 233 -9.52 -8.85 8.69
CA ILE A 233 -9.24 -7.51 9.25
C ILE A 233 -7.84 -7.06 8.88
N ARG A 234 -6.88 -8.00 8.85
CA ARG A 234 -5.51 -7.70 8.40
C ARG A 234 -5.46 -7.47 6.87
N VAL A 235 -6.30 -8.20 6.10
CA VAL A 235 -6.41 -8.03 4.65
C VAL A 235 -6.98 -6.63 4.33
N GLU A 236 -7.98 -6.21 5.11
CA GLU A 236 -8.65 -4.92 5.03
C GLU A 236 -7.62 -3.79 5.29
N GLU A 237 -6.81 -3.92 6.35
CA GLU A 237 -5.75 -2.97 6.64
C GLU A 237 -4.73 -2.91 5.47
N SER A 238 -4.42 -4.04 4.84
CA SER A 238 -3.46 -4.08 3.72
C SER A 238 -3.94 -3.22 2.53
N ILE A 239 -5.27 -3.09 2.39
CA ILE A 239 -5.92 -2.25 1.39
C ILE A 239 -5.76 -0.79 1.85
N TYR A 240 -6.08 -0.49 3.14
CA TYR A 240 -5.91 0.84 3.71
C TYR A 240 -4.49 1.33 3.58
N GLN A 241 -3.50 0.45 3.81
CA GLN A 241 -2.06 0.73 3.74
C GLN A 241 -1.57 1.12 2.30
N CYS A 242 -2.41 0.88 1.25
CA CYS A 242 -2.08 1.26 -0.12
C CYS A 242 -2.26 2.72 -0.37
N CYS A 243 -2.98 3.42 0.54
CA CYS A 243 -3.23 4.85 0.48
C CYS A 243 -1.95 5.62 0.69
N ASP A 244 -1.88 6.84 0.11
CA ASP A 244 -0.82 7.74 0.48
C ASP A 244 -1.34 8.23 1.86
N LEU A 245 -0.53 8.09 2.93
CA LEU A 245 -0.90 8.47 4.29
C LEU A 245 0.18 9.25 4.99
N ALA A 246 -0.25 10.17 5.88
CA ALA A 246 0.66 10.88 6.77
C ALA A 246 1.25 9.78 7.69
N PRO A 247 2.52 9.87 8.10
CA PRO A 247 3.11 8.80 8.91
C PRO A 247 2.38 8.42 10.20
N GLU A 248 1.77 9.40 10.90
CA GLU A 248 1.03 9.15 12.14
C GLU A 248 -0.29 8.43 11.82
N ALA A 249 -0.89 8.71 10.66
CA ALA A 249 -2.11 8.03 10.20
C ALA A 249 -1.77 6.56 9.91
N ARG A 250 -0.61 6.30 9.28
CA ARG A 250 -0.13 4.95 8.97
C ARG A 250 0.08 4.16 10.30
N GLN A 251 0.73 4.79 11.28
CA GLN A 251 0.91 4.16 12.58
C GLN A 251 -0.42 3.94 13.31
N ALA A 252 -1.29 4.98 13.37
CA ALA A 252 -2.58 4.86 14.03
C ALA A 252 -3.42 3.74 13.40
N ILE A 253 -3.42 3.62 12.04
CA ILE A 253 -4.15 2.53 11.34
C ILE A 253 -3.54 1.16 11.76
N ARG A 254 -2.20 1.05 11.79
CA ARG A 254 -1.49 -0.17 12.22
C ARG A 254 -1.85 -0.53 13.67
N SER A 255 -1.78 0.45 14.59
CA SER A 255 -2.11 0.24 16.01
C SER A 255 -3.59 -0.06 16.20
N LEU A 256 -4.49 0.67 15.54
CA LEU A 256 -5.94 0.44 15.63
C LEU A 256 -6.33 -0.97 15.19
N THR A 257 -5.72 -1.45 14.10
CA THR A 257 -5.98 -2.79 13.56
C THR A 257 -5.69 -3.85 14.61
N GLU A 258 -4.48 -3.84 15.15
CA GLU A 258 -4.04 -4.84 16.13
C GLU A 258 -4.64 -4.69 17.53
N ARG A 259 -4.94 -3.47 17.95
CA ARG A 259 -5.42 -3.23 19.31
C ARG A 259 -6.95 -3.21 19.48
N LEU A 260 -7.68 -2.94 18.38
CA LEU A 260 -9.13 -2.80 18.40
C LEU A 260 -9.84 -3.58 17.31
N TYR A 261 -9.48 -3.34 16.05
CA TYR A 261 -10.22 -3.93 14.94
C TYR A 261 -10.24 -5.46 14.83
N ILE A 262 -9.08 -6.14 15.07
CA ILE A 262 -9.02 -7.61 14.98
C ILE A 262 -9.72 -8.29 16.15
N GLY A 263 -9.85 -7.59 17.27
CA GLY A 263 -10.48 -8.11 18.47
C GLY A 263 -10.02 -7.40 19.72
N GLY A 264 -10.51 -7.87 20.85
CA GLY A 264 -10.18 -7.28 22.12
C GLY A 264 -11.12 -7.66 23.25
N PRO A 265 -10.81 -7.13 24.45
CA PRO A 265 -11.63 -7.46 25.64
C PRO A 265 -12.99 -6.79 25.60
N LEU A 266 -14.02 -7.46 26.18
CA LEU A 266 -15.39 -6.97 26.27
C LEU A 266 -15.71 -6.71 27.72
N THR A 267 -16.17 -5.48 28.01
CA THR A 267 -16.53 -5.06 29.36
C THR A 267 -18.02 -4.72 29.34
N ASN A 268 -18.79 -5.18 30.33
CA ASN A 268 -20.21 -4.85 30.36
C ASN A 268 -20.43 -3.45 30.99
N SER A 269 -21.68 -2.95 31.01
CA SER A 269 -22.05 -1.65 31.59
C SER A 269 -21.62 -1.47 33.09
N LYS A 270 -21.46 -2.58 33.83
CA LYS A 270 -21.04 -2.60 35.25
C LYS A 270 -19.52 -2.57 35.40
N GLY A 271 -18.79 -2.59 34.29
CA GLY A 271 -17.34 -2.58 34.32
C GLY A 271 -16.70 -3.93 34.53
N GLN A 272 -17.50 -5.00 34.39
CA GLN A 272 -17.01 -6.36 34.56
C GLN A 272 -16.51 -6.92 33.25
N ASN A 273 -15.43 -7.71 33.33
CA ASN A 273 -14.82 -8.44 32.20
C ASN A 273 -15.81 -9.50 31.75
N CYS A 274 -16.29 -9.33 30.51
CA CYS A 274 -17.37 -10.07 29.88
C CYS A 274 -16.94 -11.17 28.93
N GLY A 275 -15.85 -10.93 28.25
CA GLY A 275 -15.33 -11.91 27.32
C GLY A 275 -14.28 -11.33 26.41
N TYR A 276 -14.14 -11.95 25.26
CA TYR A 276 -13.15 -11.56 24.28
C TYR A 276 -13.67 -11.77 22.87
N ARG A 277 -13.41 -10.77 22.00
CA ARG A 277 -13.85 -10.76 20.60
C ARG A 277 -12.65 -11.00 19.64
N ARG A 278 -12.85 -11.81 18.59
CA ARG A 278 -11.86 -12.09 17.53
C ARG A 278 -12.57 -11.95 16.17
N CYS A 279 -13.54 -11.03 16.12
CA CYS A 279 -14.32 -10.78 14.93
C CYS A 279 -14.66 -9.30 14.86
N ARG A 280 -15.46 -8.90 13.87
CA ARG A 280 -15.85 -7.50 13.65
C ARG A 280 -16.62 -6.90 14.83
N ALA A 281 -16.16 -5.74 15.33
CA ALA A 281 -16.88 -4.94 16.33
C ALA A 281 -17.89 -4.10 15.53
N SER A 282 -19.15 -4.06 15.97
CA SER A 282 -20.19 -3.31 15.24
C SER A 282 -20.05 -1.79 15.36
N GLY A 283 -19.45 -1.34 16.44
CA GLY A 283 -19.40 0.09 16.73
C GLY A 283 -18.06 0.77 16.64
N VAL A 284 -17.40 0.59 15.50
CA VAL A 284 -16.12 1.22 15.18
C VAL A 284 -16.26 1.86 13.82
N LEU A 285 -15.38 2.83 13.51
CA LEU A 285 -15.47 3.60 12.28
C LEU A 285 -15.38 2.79 11.00
N THR A 286 -14.52 1.76 11.00
CA THR A 286 -14.26 0.92 9.84
C THR A 286 -15.28 -0.22 9.59
N THR A 287 -16.27 -0.44 10.49
CA THR A 287 -17.23 -1.55 10.27
C THR A 287 -17.92 -1.51 8.90
N SER A 288 -18.51 -0.36 8.50
CA SER A 288 -19.19 -0.31 7.20
C SER A 288 -18.25 -0.54 6.02
N CYS A 289 -17.13 0.19 5.99
CA CYS A 289 -16.13 0.08 4.93
C CYS A 289 -15.46 -1.29 4.89
N GLY A 290 -14.99 -1.77 6.05
CA GLY A 290 -14.39 -3.10 6.18
C GLY A 290 -15.33 -4.20 5.76
N ASN A 291 -16.59 -4.15 6.24
CA ASN A 291 -17.63 -5.12 5.85
C ASN A 291 -17.89 -5.14 4.38
N THR A 292 -18.01 -3.92 3.75
CA THR A 292 -18.25 -3.80 2.30
C THR A 292 -17.10 -4.43 1.52
N LEU A 293 -15.83 -4.07 1.82
CA LEU A 293 -14.62 -4.55 1.16
C LEU A 293 -14.51 -6.06 1.26
N THR A 294 -14.73 -6.59 2.48
CA THR A 294 -14.68 -8.03 2.81
C THR A 294 -15.78 -8.78 2.02
N CYS A 295 -17.01 -8.28 2.05
CA CYS A 295 -18.11 -8.87 1.30
C CYS A 295 -17.85 -8.79 -0.22
N TYR A 296 -17.38 -7.63 -0.71
CA TYR A 296 -17.06 -7.49 -2.13
C TYR A 296 -15.95 -8.47 -2.56
N LEU A 297 -14.84 -8.54 -1.81
CA LEU A 297 -13.71 -9.44 -2.08
C LEU A 297 -14.15 -10.91 -2.15
N LYS A 298 -14.81 -11.38 -1.09
CA LYS A 298 -15.28 -12.77 -1.01
C LYS A 298 -16.27 -13.06 -2.11
N ALA A 299 -17.22 -12.13 -2.36
CA ALA A 299 -18.22 -12.35 -3.41
C ALA A 299 -17.65 -12.34 -4.82
N THR A 300 -16.72 -11.42 -5.11
CA THR A 300 -16.08 -11.35 -6.42
C THR A 300 -15.27 -12.63 -6.73
N ALA A 301 -14.47 -13.08 -5.76
CA ALA A 301 -13.70 -14.32 -5.90
C ALA A 301 -14.66 -15.52 -6.05
N ALA A 302 -15.74 -15.57 -5.26
CA ALA A 302 -16.75 -16.66 -5.29
C ALA A 302 -17.49 -16.72 -6.65
N CYS A 303 -17.80 -15.56 -7.28
CA CYS A 303 -18.41 -15.47 -8.62
C CYS A 303 -17.50 -16.18 -9.67
N ARG A 304 -16.16 -16.01 -9.54
CA ARG A 304 -15.17 -16.60 -10.45
C ARG A 304 -15.12 -18.12 -10.29
N ALA A 305 -15.05 -18.60 -9.03
CA ALA A 305 -15.03 -20.02 -8.67
C ALA A 305 -16.30 -20.71 -9.19
N ALA A 306 -17.46 -20.04 -9.01
CA ALA A 306 -18.79 -20.49 -9.45
C ALA A 306 -18.96 -20.46 -10.96
N LYS A 307 -18.12 -19.66 -11.65
CA LYS A 307 -18.15 -19.41 -13.10
C LYS A 307 -19.46 -18.71 -13.52
N LEU A 308 -19.92 -17.77 -12.69
CA LEU A 308 -21.12 -16.98 -13.00
C LEU A 308 -20.69 -15.99 -14.09
N GLN A 309 -21.49 -15.89 -15.16
CA GLN A 309 -21.14 -15.07 -16.31
C GLN A 309 -21.64 -13.63 -16.26
N ASP A 310 -20.73 -12.66 -16.56
CA ASP A 310 -20.99 -11.22 -16.61
C ASP A 310 -21.71 -10.69 -15.34
N CYS A 311 -21.03 -10.81 -14.20
CA CYS A 311 -21.55 -10.39 -12.92
C CYS A 311 -21.47 -8.91 -12.72
N THR A 312 -22.53 -8.37 -12.11
CA THR A 312 -22.58 -7.01 -11.64
C THR A 312 -23.04 -7.16 -10.21
N MET A 313 -22.22 -6.65 -9.30
CA MET A 313 -22.56 -6.77 -7.90
C MET A 313 -22.86 -5.43 -7.31
N LEU A 314 -23.65 -5.41 -6.25
CA LEU A 314 -23.93 -4.20 -5.53
C LEU A 314 -23.79 -4.50 -4.07
N VAL A 315 -22.81 -3.85 -3.42
CA VAL A 315 -22.47 -4.12 -2.02
C VAL A 315 -22.66 -2.93 -1.09
N ASN A 316 -23.31 -3.17 0.06
CA ASN A 316 -23.55 -2.18 1.13
C ASN A 316 -23.27 -2.90 2.41
N GLY A 317 -22.04 -2.82 2.90
CA GLY A 317 -21.64 -3.56 4.11
C GLY A 317 -21.76 -5.05 3.86
N ASP A 318 -22.53 -5.74 4.69
CA ASP A 318 -22.75 -7.17 4.56
C ASP A 318 -23.87 -7.53 3.57
N ASP A 319 -24.55 -6.50 3.02
CA ASP A 319 -25.64 -6.72 2.08
C ASP A 319 -25.11 -6.88 0.67
N LEU A 320 -25.49 -7.97 0.02
CA LEU A 320 -25.02 -8.29 -1.32
C LEU A 320 -26.11 -8.69 -2.31
N VAL A 321 -26.06 -8.09 -3.49
CA VAL A 321 -26.92 -8.45 -4.61
C VAL A 321 -26.06 -8.65 -5.87
N VAL A 322 -26.31 -9.74 -6.59
CA VAL A 322 -25.58 -10.03 -7.82
C VAL A 322 -26.60 -10.14 -8.95
N ILE A 323 -26.31 -9.50 -10.08
CA ILE A 323 -27.10 -9.57 -11.30
C ILE A 323 -26.15 -10.08 -12.37
N CYS A 324 -26.51 -11.20 -12.99
CA CYS A 324 -25.66 -11.79 -13.99
C CYS A 324 -26.39 -12.25 -15.25
N GLU A 325 -25.62 -12.79 -16.20
CA GLU A 325 -26.12 -13.33 -17.46
C GLU A 325 -26.47 -14.82 -17.22
N SER A 326 -27.76 -15.19 -17.30
CA SER A 326 -28.24 -16.57 -17.11
C SER A 326 -27.57 -17.55 -18.10
N ALA A 327 -27.22 -18.75 -17.62
CA ALA A 327 -26.60 -19.81 -18.42
C ALA A 327 -27.62 -20.92 -18.71
N GLY A 328 -28.81 -20.75 -18.12
CA GLY A 328 -29.92 -21.67 -18.16
C GLY A 328 -30.40 -21.90 -16.75
N THR A 329 -31.60 -22.43 -16.56
CA THR A 329 -32.18 -22.67 -15.25
C THR A 329 -31.35 -23.61 -14.35
N GLN A 330 -30.96 -24.79 -14.89
CA GLN A 330 -30.21 -25.81 -14.15
C GLN A 330 -28.79 -25.33 -13.91
N GLU A 331 -28.17 -24.73 -14.94
CA GLU A 331 -26.82 -24.19 -14.89
C GLU A 331 -26.73 -23.08 -13.80
N ASP A 332 -27.74 -22.18 -13.75
CA ASP A 332 -27.87 -21.10 -12.76
C ASP A 332 -27.96 -21.60 -11.34
N ALA A 333 -28.84 -22.60 -11.09
CA ALA A 333 -29.04 -23.19 -9.77
C ALA A 333 -27.78 -23.88 -9.24
N ALA A 334 -27.04 -24.59 -10.14
CA ALA A 334 -25.79 -25.27 -9.81
C ALA A 334 -24.64 -24.25 -9.60
N ALA A 335 -24.60 -23.16 -10.41
CA ALA A 335 -23.60 -22.11 -10.26
C ALA A 335 -23.81 -21.36 -8.95
N LEU A 336 -25.08 -21.15 -8.56
CA LEU A 336 -25.40 -20.51 -7.28
C LEU A 336 -24.93 -21.35 -6.08
N ARG A 337 -25.03 -22.69 -6.19
CA ARG A 337 -24.60 -23.59 -5.14
C ARG A 337 -23.08 -23.57 -5.06
N ALA A 338 -22.39 -23.45 -6.22
CA ALA A 338 -20.92 -23.35 -6.27
C ALA A 338 -20.46 -22.00 -5.66
N PHE A 339 -21.27 -20.92 -5.85
CA PHE A 339 -21.00 -19.61 -5.28
C PHE A 339 -21.04 -19.67 -3.76
N THR A 340 -22.12 -20.26 -3.22
CA THR A 340 -22.37 -20.46 -1.78
C THR A 340 -21.28 -21.33 -1.16
N GLU A 341 -20.82 -22.37 -1.88
CA GLU A 341 -19.75 -23.23 -1.37
C GLU A 341 -18.42 -22.46 -1.25
N ALA A 342 -18.15 -21.58 -2.22
CA ALA A 342 -16.94 -20.75 -2.23
C ALA A 342 -17.02 -19.70 -1.12
N MET A 343 -18.22 -19.08 -0.93
CA MET A 343 -18.46 -18.11 0.13
C MET A 343 -18.27 -18.76 1.51
N THR A 344 -18.81 -19.98 1.70
CA THR A 344 -18.67 -20.74 2.95
C THR A 344 -17.19 -21.00 3.27
N ARG A 345 -16.38 -21.39 2.27
CA ARG A 345 -14.93 -21.65 2.45
C ARG A 345 -14.19 -20.37 2.87
N TYR A 346 -14.66 -19.22 2.38
CA TYR A 346 -14.12 -17.90 2.68
C TYR A 346 -14.60 -17.40 4.04
N SER A 347 -15.38 -18.22 4.78
CA SER A 347 -15.98 -17.93 6.09
C SER A 347 -17.08 -16.88 5.90
N ALA A 348 -18.02 -17.17 4.98
CA ALA A 348 -19.20 -16.35 4.73
C ALA A 348 -20.38 -17.29 4.38
N PRO A 349 -20.75 -18.25 5.30
CA PRO A 349 -21.87 -19.14 5.01
C PRO A 349 -23.21 -18.40 4.98
N PRO A 350 -24.22 -18.90 4.20
CA PRO A 350 -25.48 -18.18 4.10
C PRO A 350 -26.41 -18.38 5.28
N GLY A 351 -27.33 -17.46 5.46
CA GLY A 351 -28.39 -17.57 6.45
C GLY A 351 -29.43 -18.36 5.70
N ASP A 352 -30.25 -17.65 4.91
CA ASP A 352 -31.21 -18.28 4.02
C ASP A 352 -30.43 -18.64 2.75
N PRO A 353 -30.47 -19.90 2.26
CA PRO A 353 -29.69 -20.23 1.05
C PRO A 353 -30.17 -19.38 -0.12
N PRO A 354 -29.23 -18.84 -0.94
CA PRO A 354 -29.66 -18.00 -2.06
C PRO A 354 -30.47 -18.75 -3.10
N GLN A 355 -31.38 -18.02 -3.74
CA GLN A 355 -32.24 -18.56 -4.77
C GLN A 355 -32.14 -17.72 -6.02
N PRO A 356 -31.96 -18.33 -7.20
CA PRO A 356 -31.90 -17.51 -8.43
C PRO A 356 -33.24 -16.84 -8.68
N GLU A 357 -33.24 -15.59 -9.17
CA GLU A 357 -34.46 -14.83 -9.49
C GLU A 357 -34.38 -14.29 -10.90
N TYR A 358 -35.49 -14.39 -11.67
CA TYR A 358 -35.57 -13.94 -13.05
C TYR A 358 -36.51 -12.74 -13.22
N ASP A 359 -36.93 -12.18 -12.08
CA ASP A 359 -37.77 -10.98 -11.99
C ASP A 359 -37.13 -10.03 -10.98
N LEU A 360 -36.60 -8.88 -11.47
CA LEU A 360 -35.97 -7.85 -10.62
C LEU A 360 -36.82 -7.40 -9.42
N GLU A 361 -38.14 -7.33 -9.59
CA GLU A 361 -39.02 -6.91 -8.52
C GLU A 361 -39.09 -7.89 -7.36
N LEU A 362 -38.66 -9.14 -7.58
CA LEU A 362 -38.67 -10.19 -6.56
C LEU A 362 -37.37 -10.26 -5.73
N ILE A 363 -36.36 -9.45 -6.11
CA ILE A 363 -35.11 -9.38 -5.36
C ILE A 363 -35.22 -8.34 -4.25
N THR A 364 -34.87 -8.74 -3.02
CA THR A 364 -34.78 -7.89 -1.86
C THR A 364 -33.30 -7.78 -1.52
N SER A 365 -32.76 -6.56 -1.60
CA SER A 365 -31.40 -6.18 -1.24
C SER A 365 -31.54 -4.88 -0.47
N CYS A 366 -30.75 -4.74 0.63
CA CYS A 366 -30.80 -3.62 1.57
C CYS A 366 -32.24 -3.48 2.09
N SER A 367 -32.86 -4.64 2.35
CA SER A 367 -34.25 -4.82 2.80
C SER A 367 -35.28 -4.05 1.94
N SER A 368 -34.94 -3.85 0.66
CA SER A 368 -35.72 -3.08 -0.31
C SER A 368 -35.85 -3.81 -1.64
N ASN A 369 -36.85 -3.41 -2.44
CA ASN A 369 -37.11 -3.98 -3.75
C ASN A 369 -37.57 -2.90 -4.73
N VAL A 370 -37.30 -3.12 -6.02
CA VAL A 370 -37.71 -2.24 -7.10
C VAL A 370 -39.18 -2.50 -7.40
N SER A 371 -39.96 -1.43 -7.53
CA SER A 371 -41.36 -1.51 -7.88
C SER A 371 -41.64 -0.40 -8.86
N VAL A 372 -42.84 -0.44 -9.50
CA VAL A 372 -43.24 0.53 -10.51
C VAL A 372 -44.52 1.26 -10.13
N ALA A 373 -44.58 2.54 -10.47
CA ALA A 373 -45.79 3.34 -10.33
C ALA A 373 -45.81 4.22 -11.56
N HIS A 374 -46.74 5.17 -11.62
CA HIS A 374 -46.88 6.06 -12.77
C HIS A 374 -46.94 7.47 -12.31
N ASP A 375 -46.34 8.40 -13.06
CA ASP A 375 -46.37 9.82 -12.71
C ASP A 375 -47.64 10.53 -13.28
N ALA A 376 -47.72 11.88 -13.18
CA ALA A 376 -48.89 12.66 -13.65
C ALA A 376 -49.26 12.40 -15.12
N SER A 377 -48.24 12.17 -15.97
CA SER A 377 -48.36 11.89 -17.40
C SER A 377 -48.70 10.41 -17.73
N GLY A 378 -48.59 9.53 -16.74
CA GLY A 378 -48.88 8.11 -16.94
C GLY A 378 -47.67 7.26 -17.30
N LYS A 379 -46.47 7.87 -17.38
CA LYS A 379 -45.25 7.12 -17.68
C LYS A 379 -44.76 6.30 -16.46
N ARG A 380 -44.11 5.15 -16.74
CA ARG A 380 -43.56 4.28 -15.70
C ARG A 380 -42.42 4.93 -14.94
N VAL A 381 -42.45 4.81 -13.61
CA VAL A 381 -41.41 5.29 -12.72
C VAL A 381 -41.04 4.11 -11.82
N TYR A 382 -39.77 3.71 -11.84
CA TYR A 382 -39.25 2.70 -10.93
C TYR A 382 -38.83 3.47 -9.68
N TYR A 383 -39.00 2.85 -8.51
CA TYR A 383 -38.67 3.43 -7.21
C TYR A 383 -38.41 2.27 -6.23
N LEU A 384 -37.74 2.56 -5.11
CA LEU A 384 -37.48 1.54 -4.09
C LEU A 384 -38.53 1.61 -3.01
N THR A 385 -38.99 0.45 -2.62
CA THR A 385 -39.97 0.26 -1.56
C THR A 385 -39.51 -0.88 -0.69
N ARG A 386 -40.25 -1.15 0.38
CA ARG A 386 -39.95 -2.24 1.30
C ARG A 386 -41.22 -2.59 1.99
N ASP A 387 -41.23 -3.76 2.67
CA ASP A 387 -42.34 -4.15 3.50
C ASP A 387 -42.41 -3.04 4.62
N PRO A 388 -43.59 -2.39 4.84
CA PRO A 388 -43.64 -1.27 5.79
C PRO A 388 -43.77 -1.63 7.26
N THR A 389 -43.81 -2.94 7.62
CA THR A 389 -43.98 -3.39 9.00
C THR A 389 -43.04 -2.73 9.99
N THR A 390 -41.71 -2.93 9.80
CA THR A 390 -40.72 -2.34 10.72
C THR A 390 -40.79 -0.82 10.74
N PRO A 391 -40.83 -0.13 9.59
CA PRO A 391 -41.00 1.33 9.63
C PRO A 391 -42.21 1.80 10.44
N LEU A 392 -43.37 1.13 10.30
CA LEU A 392 -44.61 1.51 11.04
C LEU A 392 -44.54 1.20 12.54
N ALA A 393 -43.96 0.03 12.90
CA ALA A 393 -43.78 -0.36 14.31
C ALA A 393 -42.88 0.67 14.99
N ARG A 394 -41.78 1.03 14.29
CA ARG A 394 -40.81 2.01 14.80
C ARG A 394 -41.41 3.39 14.89
N ALA A 395 -42.22 3.80 13.90
CA ALA A 395 -42.87 5.12 13.94
C ALA A 395 -43.86 5.16 15.10
N ALA A 396 -44.57 4.03 15.40
CA ALA A 396 -45.46 3.99 16.57
C ALA A 396 -44.66 4.19 17.88
N TRP A 397 -43.48 3.53 18.04
CA TRP A 397 -42.61 3.71 19.22
C TRP A 397 -42.13 5.15 19.36
N GLU A 398 -41.68 5.76 18.26
CA GLU A 398 -41.18 7.14 18.26
C GLU A 398 -42.28 8.16 18.52
N THR A 399 -43.55 7.78 18.30
CA THR A 399 -44.71 8.63 18.62
C THR A 399 -44.97 8.60 20.13
N ALA A 400 -44.86 7.41 20.76
CA ALA A 400 -45.17 7.21 22.20
C ALA A 400 -44.01 7.56 23.11
N ARG A 401 -42.77 7.52 22.59
CA ARG A 401 -41.55 7.82 23.33
C ARG A 401 -40.60 8.73 22.57
N HIS A 402 -39.90 9.61 23.28
CA HIS A 402 -38.90 10.42 22.62
C HIS A 402 -37.63 9.59 22.45
N THR A 403 -37.19 9.45 21.19
CA THR A 403 -36.04 8.62 20.85
C THR A 403 -34.89 9.49 20.35
N PRO A 404 -33.61 9.06 20.50
CA PRO A 404 -32.50 9.90 20.00
C PRO A 404 -32.50 10.03 18.47
N ILE A 405 -32.85 8.95 17.78
CA ILE A 405 -32.95 8.92 16.33
C ILE A 405 -34.41 8.71 15.95
N ASN A 406 -34.88 9.45 14.95
CA ASN A 406 -36.24 9.31 14.44
C ASN A 406 -36.19 8.54 13.14
N SER A 407 -36.38 7.21 13.20
CA SER A 407 -36.35 6.39 11.98
C SER A 407 -37.47 6.81 10.96
N TRP A 408 -38.60 7.34 11.47
CA TRP A 408 -39.69 7.82 10.62
C TRP A 408 -39.26 8.91 9.63
N LEU A 409 -38.39 9.84 10.10
CA LEU A 409 -37.90 10.92 9.29
C LEU A 409 -36.94 10.41 8.21
N GLY A 410 -36.03 9.50 8.58
CA GLY A 410 -35.12 8.90 7.60
C GLY A 410 -35.90 8.06 6.60
N ASN A 411 -36.97 7.37 7.06
CA ASN A 411 -37.82 6.53 6.22
C ASN A 411 -38.61 7.36 5.21
N ILE A 412 -39.11 8.53 5.64
CA ILE A 412 -39.80 9.45 4.71
C ILE A 412 -38.78 9.93 3.65
N ILE A 413 -37.56 10.30 4.07
CA ILE A 413 -36.54 10.79 3.14
C ILE A 413 -36.21 9.70 2.10
N MET A 414 -35.88 8.50 2.58
CA MET A 414 -35.45 7.40 1.73
C MET A 414 -36.56 6.74 0.91
N TYR A 415 -37.76 6.71 1.48
CA TYR A 415 -38.91 6.09 0.85
C TYR A 415 -40.02 7.07 0.45
N ALA A 416 -39.67 8.36 0.26
CA ALA A 416 -40.62 9.39 -0.20
C ALA A 416 -41.57 9.00 -1.32
N PRO A 417 -41.17 8.31 -2.42
CA PRO A 417 -42.14 7.95 -3.48
C PRO A 417 -43.15 6.84 -3.14
N THR A 418 -42.93 6.10 -2.05
CA THR A 418 -43.79 4.96 -1.66
C THR A 418 -45.19 5.37 -1.18
N LEU A 419 -46.16 4.50 -1.43
CA LEU A 419 -47.56 4.68 -1.05
C LEU A 419 -47.70 4.78 0.47
N TRP A 420 -46.97 3.95 1.21
CA TRP A 420 -47.00 3.93 2.67
C TRP A 420 -46.29 5.13 3.31
N ALA A 421 -45.17 5.61 2.76
CA ALA A 421 -44.51 6.79 3.39
C ALA A 421 -45.33 8.07 3.16
N ARG A 422 -45.98 8.19 2.00
CA ARG A 422 -46.79 9.37 1.69
C ARG A 422 -48.12 9.41 2.45
N MET A 423 -48.89 8.33 2.39
CA MET A 423 -50.21 8.27 2.99
C MET A 423 -50.22 8.16 4.48
N ILE A 424 -49.26 7.40 5.05
CA ILE A 424 -49.22 7.14 6.48
C ILE A 424 -48.20 7.98 7.19
N LEU A 425 -46.92 7.76 6.93
CA LEU A 425 -45.86 8.49 7.64
C LEU A 425 -45.96 10.00 7.49
N MET A 426 -46.11 10.51 6.26
CA MET A 426 -46.22 11.97 6.09
C MET A 426 -47.47 12.50 6.82
N THR A 427 -48.63 11.86 6.59
CA THR A 427 -49.88 12.26 7.25
C THR A 427 -49.79 12.26 8.79
N HIS A 428 -49.32 11.14 9.39
CA HIS A 428 -49.25 10.99 10.84
C HIS A 428 -48.39 12.07 11.50
N PHE A 429 -47.12 12.20 11.07
CA PHE A 429 -46.20 13.15 11.69
C PHE A 429 -46.49 14.61 11.40
N PHE A 430 -46.94 14.94 10.18
CA PHE A 430 -47.33 16.34 9.91
C PHE A 430 -48.52 16.74 10.77
N SER A 431 -49.50 15.82 10.96
CA SER A 431 -50.66 16.10 11.82
C SER A 431 -50.23 16.42 13.24
N ILE A 432 -49.38 15.57 13.83
CA ILE A 432 -48.88 15.71 15.22
C ILE A 432 -48.05 16.96 15.38
N LEU A 433 -47.05 17.12 14.50
CA LEU A 433 -46.11 18.26 14.59
C LEU A 433 -46.78 19.58 14.36
N LEU A 434 -47.81 19.61 13.50
CA LEU A 434 -48.53 20.86 13.26
C LEU A 434 -49.28 21.25 14.54
N ALA A 435 -50.00 20.29 15.16
CA ALA A 435 -50.74 20.52 16.40
C ALA A 435 -49.79 20.99 17.54
N GLN A 436 -48.55 20.52 17.51
CA GLN A 436 -47.51 20.80 18.50
C GLN A 436 -46.63 22.00 18.19
N GLU A 437 -46.92 22.74 17.09
CA GLU A 437 -46.10 23.87 16.62
C GLU A 437 -44.59 23.45 16.52
N GLN A 438 -44.31 22.22 15.99
CA GLN A 438 -42.95 21.65 15.87
C GLN A 438 -42.58 21.21 14.44
N LEU A 439 -43.28 21.72 13.43
CA LEU A 439 -42.97 21.34 12.02
C LEU A 439 -41.58 21.86 11.66
N GLY A 440 -41.16 22.97 12.26
CA GLY A 440 -39.86 23.56 12.00
C GLY A 440 -38.76 23.16 12.97
N LYS A 441 -39.05 22.23 13.91
CA LYS A 441 -38.05 21.85 14.88
C LYS A 441 -37.17 20.73 14.30
N ALA A 442 -35.83 20.96 14.27
CA ALA A 442 -34.88 19.98 13.74
C ALA A 442 -34.86 18.75 14.59
N LEU A 443 -34.82 17.60 13.92
CA LEU A 443 -34.81 16.28 14.52
C LEU A 443 -33.65 15.48 13.93
N ASP A 444 -33.12 14.55 14.73
CA ASP A 444 -32.06 13.66 14.29
C ASP A 444 -32.60 12.45 13.62
N CYS A 445 -31.99 12.10 12.49
CA CYS A 445 -32.33 10.92 11.71
C CYS A 445 -31.01 10.40 11.10
N GLN A 446 -31.03 9.20 10.56
CA GLN A 446 -29.82 8.61 9.98
C GLN A 446 -29.98 8.27 8.53
N ILE A 447 -28.95 8.59 7.72
CA ILE A 447 -28.90 8.27 6.29
C ILE A 447 -27.60 7.50 6.12
N TYR A 448 -27.69 6.22 5.76
CA TYR A 448 -26.52 5.31 5.60
C TYR A 448 -25.62 5.29 6.86
N GLY A 449 -26.26 5.28 8.04
CA GLY A 449 -25.61 5.24 9.34
C GLY A 449 -25.15 6.58 9.91
N ALA A 450 -24.99 7.62 9.07
CA ALA A 450 -24.57 8.95 9.55
C ALA A 450 -25.77 9.71 10.09
N CYS A 451 -25.56 10.54 11.10
CA CYS A 451 -26.63 11.31 11.72
C CYS A 451 -26.77 12.72 11.11
N TYR A 452 -28.02 13.13 10.89
CA TYR A 452 -28.36 14.45 10.33
C TYR A 452 -29.43 15.13 11.14
N SER A 453 -29.32 16.44 11.32
CA SER A 453 -30.31 17.22 12.01
C SER A 453 -31.17 17.87 10.92
N ILE A 454 -32.45 17.44 10.81
CA ILE A 454 -33.32 17.91 9.74
C ILE A 454 -34.64 18.48 10.27
N GLU A 455 -35.06 19.63 9.72
CA GLU A 455 -36.34 20.23 10.04
C GLU A 455 -37.40 19.58 9.10
N PRO A 456 -38.50 18.97 9.59
CA PRO A 456 -39.49 18.38 8.67
C PRO A 456 -40.04 19.35 7.61
N LEU A 457 -40.07 20.70 7.89
CA LEU A 457 -40.53 21.68 6.90
C LEU A 457 -39.64 21.75 5.65
N ASP A 458 -38.41 21.22 5.72
CA ASP A 458 -37.49 21.20 4.56
C ASP A 458 -37.67 19.96 3.69
N LEU A 459 -38.53 19.02 4.13
CA LEU A 459 -38.78 17.77 3.38
C LEU A 459 -39.11 17.95 1.87
N PRO A 460 -39.94 18.93 1.41
CA PRO A 460 -40.21 19.04 -0.03
C PRO A 460 -38.97 19.23 -0.92
N GLN A 461 -38.03 20.18 -0.56
CA GLN A 461 -36.80 20.40 -1.35
C GLN A 461 -35.90 19.18 -1.29
N ILE A 462 -35.78 18.55 -0.09
CA ILE A 462 -34.96 17.35 0.10
C ILE A 462 -35.49 16.26 -0.82
N ILE A 463 -36.81 16.01 -0.80
CA ILE A 463 -37.43 14.99 -1.63
C ILE A 463 -37.25 15.27 -3.09
N GLU A 464 -37.52 16.52 -3.53
CA GLU A 464 -37.35 16.88 -4.95
C GLU A 464 -35.93 16.55 -5.40
N ARG A 465 -34.94 17.02 -4.64
CA ARG A 465 -33.53 16.82 -4.93
C ARG A 465 -33.14 15.36 -5.07
N LEU A 466 -33.60 14.51 -4.13
CA LEU A 466 -33.28 13.10 -4.07
C LEU A 466 -34.07 12.22 -5.01
N HIS A 467 -35.36 12.50 -5.16
CA HIS A 467 -36.25 11.63 -5.91
C HIS A 467 -36.84 12.27 -7.16
N GLY A 468 -36.79 13.58 -7.26
CA GLY A 468 -37.43 14.28 -8.36
C GLY A 468 -38.87 14.62 -8.03
N LEU A 469 -39.46 15.56 -8.79
CA LEU A 469 -40.86 16.01 -8.60
C LEU A 469 -41.87 14.87 -8.78
N SER A 470 -41.50 13.81 -9.52
CA SER A 470 -42.35 12.63 -9.73
C SER A 470 -42.71 11.94 -8.40
N ALA A 471 -41.93 12.14 -7.31
CA ALA A 471 -42.23 11.60 -5.97
C ALA A 471 -43.55 12.17 -5.40
N PHE A 472 -43.96 13.34 -5.91
CA PHE A 472 -45.17 14.02 -5.46
C PHE A 472 -46.38 13.78 -6.37
N THR A 473 -46.22 12.93 -7.40
CA THR A 473 -47.24 12.69 -8.42
C THR A 473 -47.52 11.20 -8.66
N LEU A 474 -46.68 10.27 -8.12
CA LEU A 474 -46.88 8.82 -8.35
C LEU A 474 -48.25 8.37 -7.97
N HIS A 475 -48.81 7.45 -8.77
CA HIS A 475 -50.13 6.88 -8.59
C HIS A 475 -50.10 5.53 -9.32
N SER A 476 -51.20 4.76 -9.22
CA SER A 476 -51.37 3.45 -9.87
C SER A 476 -50.17 2.56 -9.56
N TYR A 477 -49.96 2.36 -8.26
CA TYR A 477 -48.90 1.53 -7.70
C TYR A 477 -49.21 0.08 -8.10
N SER A 478 -48.21 -0.80 -8.01
CA SER A 478 -48.40 -2.18 -8.42
C SER A 478 -49.35 -2.98 -7.51
N PRO A 479 -50.09 -3.95 -8.08
CA PRO A 479 -50.96 -4.80 -7.25
C PRO A 479 -50.24 -5.50 -6.07
N GLY A 480 -49.01 -5.96 -6.29
CA GLY A 480 -48.20 -6.61 -5.28
C GLY A 480 -47.80 -5.67 -4.16
N GLU A 481 -47.53 -4.38 -4.52
CA GLU A 481 -47.18 -3.34 -3.57
C GLU A 481 -48.40 -2.99 -2.72
N ILE A 482 -49.57 -2.84 -3.36
CA ILE A 482 -50.83 -2.50 -2.69
C ILE A 482 -51.28 -3.56 -1.69
N ASN A 483 -51.14 -4.84 -2.05
CA ASN A 483 -51.47 -6.00 -1.23
C ASN A 483 -50.54 -6.13 -0.01
N ARG A 484 -49.23 -5.89 -0.18
CA ARG A 484 -48.27 -5.94 0.92
C ARG A 484 -48.55 -4.80 1.92
N VAL A 485 -48.98 -3.63 1.42
CA VAL A 485 -49.32 -2.50 2.29
C VAL A 485 -50.59 -2.87 3.06
N ALA A 486 -51.65 -3.31 2.35
CA ALA A 486 -52.95 -3.69 2.93
C ALA A 486 -52.84 -4.78 4.01
N SER A 487 -52.07 -5.85 3.74
CA SER A 487 -51.85 -6.96 4.67
C SER A 487 -51.13 -6.52 5.95
N CYS A 488 -50.18 -5.58 5.82
CA CYS A 488 -49.43 -5.01 6.93
C CYS A 488 -50.35 -4.19 7.84
N LEU A 489 -51.22 -3.34 7.26
CA LEU A 489 -52.18 -2.51 7.99
C LEU A 489 -53.13 -3.39 8.80
N ARG A 490 -53.63 -4.47 8.20
CA ARG A 490 -54.52 -5.38 8.92
C ARG A 490 -53.80 -6.09 10.06
N LYS A 491 -52.60 -6.60 9.80
CA LYS A 491 -51.77 -7.29 10.79
C LYS A 491 -51.44 -6.41 12.00
N LEU A 492 -51.08 -5.14 11.78
CA LEU A 492 -50.71 -4.25 12.87
C LEU A 492 -51.88 -3.47 13.48
N GLY A 493 -53.03 -3.52 12.83
CA GLY A 493 -54.20 -2.75 13.26
C GLY A 493 -54.02 -1.29 12.93
N VAL A 494 -53.44 -1.00 11.76
CA VAL A 494 -53.25 0.38 11.28
C VAL A 494 -54.58 0.78 10.59
N PRO A 495 -55.14 2.00 10.82
CA PRO A 495 -56.37 2.40 10.10
C PRO A 495 -56.24 2.29 8.56
N PRO A 496 -57.37 2.04 7.84
CA PRO A 496 -57.27 1.88 6.39
C PRO A 496 -56.86 3.16 5.69
N LEU A 497 -56.44 3.05 4.43
CA LEU A 497 -55.96 4.16 3.62
C LEU A 497 -56.98 5.30 3.45
N ARG A 498 -58.30 4.98 3.39
CA ARG A 498 -59.35 6.02 3.32
C ARG A 498 -59.28 6.93 4.57
N THR A 499 -58.92 6.37 5.77
CA THR A 499 -58.79 7.16 7.00
C THR A 499 -57.59 8.09 6.84
N TRP A 500 -56.48 7.56 6.29
CA TRP A 500 -55.24 8.31 6.02
C TRP A 500 -55.48 9.41 5.01
N ARG A 501 -56.27 9.15 3.93
CA ARG A 501 -56.65 10.18 2.96
C ARG A 501 -57.43 11.30 3.69
N HIS A 502 -58.42 10.94 4.56
CA HIS A 502 -59.21 11.93 5.33
C HIS A 502 -58.32 12.76 6.24
N ARG A 503 -57.34 12.13 6.91
CA ARG A 503 -56.42 12.85 7.81
C ARG A 503 -55.49 13.78 7.02
N ALA A 504 -55.06 13.35 5.81
CA ALA A 504 -54.16 14.11 4.94
C ALA A 504 -54.86 15.33 4.41
N ARG A 505 -56.12 15.19 3.97
CA ARG A 505 -56.89 16.34 3.49
C ARG A 505 -57.03 17.38 4.59
N SER A 506 -57.18 16.93 5.83
CA SER A 506 -57.29 17.80 6.98
C SER A 506 -55.98 18.57 7.31
N VAL A 507 -54.85 17.86 7.39
CA VAL A 507 -53.59 18.52 7.69
C VAL A 507 -53.12 19.41 6.53
N ARG A 508 -53.37 18.97 5.27
CA ARG A 508 -53.01 19.71 4.03
C ARG A 508 -53.66 21.08 4.09
N ALA A 509 -54.96 21.14 4.49
CA ALA A 509 -55.70 22.40 4.61
C ALA A 509 -55.06 23.34 5.64
N LYS A 510 -54.69 22.81 6.83
CA LYS A 510 -54.04 23.59 7.88
C LYS A 510 -52.64 24.09 7.44
N LEU A 511 -51.87 23.22 6.73
CA LEU A 511 -50.53 23.52 6.20
C LEU A 511 -50.60 24.67 5.21
N LEU A 512 -51.58 24.64 4.29
CA LEU A 512 -51.79 25.70 3.30
C LEU A 512 -52.16 27.03 3.96
N SER A 513 -53.03 27.00 5.00
CA SER A 513 -53.47 28.19 5.72
C SER A 513 -52.34 28.91 6.44
N GLN A 514 -51.28 28.17 6.82
CA GLN A 514 -50.13 28.74 7.53
C GLN A 514 -49.20 29.53 6.60
N GLY A 515 -49.24 29.29 5.30
CA GLY A 515 -48.35 29.93 4.34
C GLY A 515 -46.92 29.41 4.53
N GLY A 516 -45.96 30.16 4.01
CA GLY A 516 -44.53 29.84 4.10
C GLY A 516 -44.18 28.41 3.74
N ARG A 517 -43.22 27.85 4.48
CA ARG A 517 -42.74 26.47 4.28
C ARG A 517 -43.84 25.42 4.47
N ALA A 518 -44.73 25.63 5.45
CA ALA A 518 -45.87 24.74 5.72
C ALA A 518 -46.79 24.63 4.51
N ALA A 519 -47.09 25.75 3.81
CA ALA A 519 -47.91 25.70 2.59
C ALA A 519 -47.19 24.98 1.46
N ILE A 520 -45.83 25.02 1.43
CA ILE A 520 -45.03 24.26 0.44
C ILE A 520 -45.23 22.78 0.76
N CYS A 521 -45.23 22.43 2.05
CA CYS A 521 -45.47 21.05 2.48
C CYS A 521 -46.86 20.61 2.07
N GLY A 522 -47.87 21.46 2.30
CA GLY A 522 -49.25 21.14 1.89
C GLY A 522 -49.40 20.89 0.40
N ARG A 523 -48.78 21.74 -0.42
CA ARG A 523 -48.82 21.67 -1.89
C ARG A 523 -48.17 20.40 -2.46
N TYR A 524 -46.93 20.14 -2.06
CA TYR A 524 -46.12 19.05 -2.63
C TYR A 524 -46.34 17.72 -1.96
N LEU A 525 -46.21 17.66 -0.62
CA LEU A 525 -46.34 16.37 0.11
C LEU A 525 -47.72 15.77 0.06
N PHE A 526 -48.76 16.61 0.00
CA PHE A 526 -50.14 16.16 0.06
C PHE A 526 -50.99 16.35 -1.21
N ASN A 527 -50.38 16.70 -2.37
CA ASN A 527 -51.15 16.84 -3.63
C ASN A 527 -51.92 15.56 -3.97
N TRP A 528 -51.42 14.41 -3.49
CA TRP A 528 -52.03 13.12 -3.74
C TRP A 528 -53.41 13.04 -3.07
N ALA A 529 -53.61 13.82 -1.98
CA ALA A 529 -54.85 13.74 -1.20
C ALA A 529 -56.06 14.40 -1.87
N VAL A 530 -55.84 15.24 -2.90
CA VAL A 530 -56.92 16.02 -3.54
C VAL A 530 -57.07 15.77 -5.05
N ARG A 531 -58.27 16.07 -5.56
CA ARG A 531 -58.55 16.04 -6.97
C ARG A 531 -58.09 17.35 -7.64
N THR A 532 -58.23 18.49 -6.94
CA THR A 532 -57.84 19.80 -7.51
C THR A 532 -56.36 20.01 -7.26
N LYS A 533 -55.52 19.39 -8.11
CA LYS A 533 -54.07 19.47 -7.98
C LYS A 533 -53.52 20.89 -8.05
N LEU A 534 -52.58 21.20 -7.17
CA LEU A 534 -51.87 22.47 -7.23
C LEU A 534 -50.68 22.24 -8.19
N LYS A 535 -50.25 23.28 -8.90
CA LYS A 535 -49.15 23.14 -9.86
C LYS A 535 -47.83 22.89 -9.12
N LEU A 536 -47.08 21.85 -9.54
CA LEU A 536 -45.83 21.51 -8.87
C LEU A 536 -44.65 21.88 -9.75
N THR A 537 -43.95 22.91 -9.35
CA THR A 537 -42.80 23.41 -10.08
C THR A 537 -41.52 23.15 -9.28
N PRO A 538 -40.32 23.25 -9.92
CA PRO A 538 -39.08 23.08 -9.16
C PRO A 538 -39.04 24.07 -7.99
N ILE A 539 -38.77 23.55 -6.78
CA ILE A 539 -38.74 24.39 -5.57
C ILE A 539 -37.40 25.13 -5.58
N PRO A 540 -37.41 26.49 -5.48
CA PRO A 540 -36.15 27.24 -5.53
C PRO A 540 -35.06 26.75 -4.57
N ALA A 541 -35.42 26.42 -3.30
CA ALA A 541 -34.48 25.89 -2.31
C ALA A 541 -33.86 24.53 -2.66
N ALA A 542 -34.54 23.71 -3.51
CA ALA A 542 -34.01 22.41 -3.94
C ALA A 542 -32.62 22.55 -4.60
N SER A 543 -32.47 23.47 -5.57
CA SER A 543 -31.22 23.72 -6.31
C SER A 543 -30.01 24.18 -5.47
N GLN A 544 -30.24 24.79 -4.29
CA GLN A 544 -29.17 25.29 -3.40
C GLN A 544 -28.75 24.32 -2.30
N LEU A 545 -29.55 23.25 -2.08
CA LEU A 545 -29.32 22.24 -1.05
C LEU A 545 -27.91 21.67 -1.06
N ASP A 546 -27.22 21.79 0.08
CA ASP A 546 -25.89 21.23 0.23
C ASP A 546 -26.07 19.79 0.66
N LEU A 547 -26.25 18.91 -0.34
CA LEU A 547 -26.46 17.48 -0.11
C LEU A 547 -25.16 16.72 -0.33
N SER A 548 -24.05 17.43 -0.03
CA SER A 548 -22.69 16.90 -0.14
C SER A 548 -22.44 16.06 1.10
N GLY A 549 -22.04 14.82 0.88
CA GLY A 549 -21.78 13.90 1.97
C GLY A 549 -22.97 13.04 2.33
N TRP A 550 -24.12 13.23 1.67
CA TRP A 550 -25.30 12.42 1.96
C TRP A 550 -25.15 10.99 1.40
N PHE A 551 -24.71 10.90 0.15
CA PHE A 551 -24.56 9.61 -0.52
C PHE A 551 -23.15 9.46 -1.03
N VAL A 552 -22.21 9.41 -0.09
CA VAL A 552 -20.80 9.25 -0.36
C VAL A 552 -20.40 7.88 0.13
N ALA A 553 -20.61 7.62 1.44
CA ALA A 553 -20.21 6.37 2.06
C ALA A 553 -21.20 5.97 3.15
N GLY A 554 -21.05 4.74 3.62
CA GLY A 554 -21.80 4.17 4.75
C GLY A 554 -21.03 4.38 6.04
N TYR A 555 -21.73 4.66 7.13
CA TYR A 555 -21.09 4.90 8.42
C TYR A 555 -21.81 4.21 9.54
N SER A 556 -22.60 3.15 9.24
CA SER A 556 -23.33 2.43 10.29
C SER A 556 -22.37 2.01 11.43
N GLY A 557 -22.67 2.44 12.66
CA GLY A 557 -21.87 2.18 13.84
C GLY A 557 -20.61 3.01 13.99
N GLY A 558 -20.37 3.91 13.03
CA GLY A 558 -19.16 4.72 12.97
C GLY A 558 -19.16 6.01 13.77
N ASP A 559 -20.25 6.27 14.54
CA ASP A 559 -20.42 7.44 15.39
C ASP A 559 -20.17 8.75 14.57
N ILE A 560 -20.87 8.88 13.43
CA ILE A 560 -20.69 10.01 12.51
C ILE A 560 -21.88 10.94 12.52
N TYR A 561 -21.58 12.23 12.63
CA TYR A 561 -22.56 13.27 12.57
C TYR A 561 -22.18 14.18 11.38
N HIS A 562 -23.07 14.29 10.40
CA HIS A 562 -22.82 15.15 9.26
C HIS A 562 -23.77 16.33 9.51
N SER A 563 -23.88 17.29 8.59
CA SER A 563 -24.80 18.44 8.78
C SER A 563 -24.45 19.35 9.97
N SER B 1 15.06 20.63 4.75
CA SER B 1 15.91 20.53 5.93
C SER B 1 17.35 20.27 5.50
N MET B 2 18.29 20.41 6.44
CA MET B 2 19.71 20.14 6.23
C MET B 2 19.91 18.63 6.16
N SER B 3 20.60 18.15 5.13
CA SER B 3 20.90 16.72 4.98
C SER B 3 21.72 16.22 6.20
N TYR B 4 22.57 17.10 6.77
CA TYR B 4 23.37 16.85 7.98
C TYR B 4 23.50 18.05 8.87
N THR B 5 23.60 17.81 10.18
CA THR B 5 23.97 18.81 11.21
C THR B 5 25.23 18.22 11.85
N TRP B 6 26.24 19.04 12.14
CA TRP B 6 27.48 18.53 12.73
C TRP B 6 27.78 19.20 14.05
N THR B 7 28.25 18.43 15.03
CA THR B 7 28.58 18.91 16.36
C THR B 7 30.00 19.51 16.45
N GLY B 8 30.89 19.06 15.58
CA GLY B 8 32.30 19.45 15.62
C GLY B 8 33.19 18.28 16.01
N ALA B 9 32.60 17.21 16.62
CA ALA B 9 33.35 15.99 16.93
C ALA B 9 33.74 15.41 15.56
N LEU B 10 34.95 14.85 15.44
CA LEU B 10 35.52 14.36 14.17
C LEU B 10 35.06 13.00 13.72
N ILE B 11 35.17 12.74 12.39
CA ILE B 11 34.93 11.42 11.80
C ILE B 11 36.30 10.80 12.03
N THR B 12 36.36 9.85 12.99
CA THR B 12 37.59 9.24 13.43
C THR B 12 37.85 7.83 12.87
N PRO B 13 39.15 7.47 12.65
CA PRO B 13 39.45 6.09 12.20
C PRO B 13 39.35 5.10 13.37
N CYS B 14 39.15 3.82 13.09
CA CYS B 14 39.05 2.81 14.16
C CYS B 14 40.33 1.93 14.23
N ALA B 15 41.34 2.27 13.41
CA ALA B 15 42.65 1.61 13.28
C ALA B 15 43.53 2.51 12.41
N ALA B 16 44.81 2.11 12.21
CA ALA B 16 45.75 2.83 11.34
C ALA B 16 45.22 2.82 9.90
N GLU B 17 45.31 3.97 9.23
CA GLU B 17 44.83 4.14 7.86
C GLU B 17 46.01 4.32 6.94
N GLU B 18 46.04 3.50 5.89
CA GLU B 18 47.06 3.57 4.86
C GLU B 18 46.54 4.44 3.71
N SER B 19 47.37 5.37 3.21
CA SER B 19 46.99 6.28 2.13
C SER B 19 47.86 6.17 0.88
N LYS B 20 49.06 5.59 1.01
CA LYS B 20 50.00 5.44 -0.09
C LYS B 20 50.35 4.01 -0.25
N LEU B 21 50.92 3.67 -1.41
CA LEU B 21 51.40 2.33 -1.70
C LEU B 21 52.66 2.08 -0.87
N PRO B 22 52.90 0.86 -0.37
CA PRO B 22 54.20 0.60 0.25
C PRO B 22 55.24 0.42 -0.87
N ILE B 23 56.54 0.53 -0.56
CA ILE B 23 57.62 0.37 -1.54
C ILE B 23 57.89 -1.13 -1.78
N ASN B 24 57.38 -1.67 -2.91
CA ASN B 24 57.49 -3.10 -3.21
C ASN B 24 57.80 -3.50 -4.66
N PRO B 25 58.60 -4.58 -4.86
CA PRO B 25 58.90 -5.04 -6.24
C PRO B 25 57.75 -5.70 -7.02
N LEU B 26 56.79 -6.35 -6.33
CA LEU B 26 55.62 -7.05 -6.94
C LEU B 26 54.61 -6.14 -7.64
N SER B 27 54.02 -5.16 -6.91
CA SER B 27 53.05 -4.21 -7.47
C SER B 27 53.77 -3.27 -8.46
N ASN B 28 55.11 -3.24 -8.39
CA ASN B 28 55.98 -2.48 -9.29
C ASN B 28 56.04 -3.17 -10.65
N SER B 29 55.88 -4.50 -10.71
CA SER B 29 55.83 -5.27 -11.96
C SER B 29 54.52 -4.98 -12.71
N LEU B 30 53.54 -4.38 -12.00
CA LEU B 30 52.26 -3.96 -12.55
C LEU B 30 52.25 -2.49 -12.90
N LEU B 31 52.61 -1.61 -11.93
CA LEU B 31 52.53 -0.17 -12.04
C LEU B 31 53.82 0.47 -11.45
N ARG B 32 54.45 1.41 -12.18
CA ARG B 32 55.69 2.04 -11.73
C ARG B 32 55.50 3.40 -11.08
N HIS B 33 54.46 4.14 -11.51
CA HIS B 33 54.18 5.44 -10.95
C HIS B 33 53.31 5.25 -9.68
N HIS B 34 53.96 4.78 -8.60
CA HIS B 34 53.33 4.54 -7.30
C HIS B 34 52.72 5.80 -6.69
N ASN B 35 53.32 6.97 -6.96
CA ASN B 35 52.89 8.27 -6.44
C ASN B 35 51.52 8.77 -6.94
N MET B 36 50.99 8.16 -8.01
CA MET B 36 49.68 8.49 -8.57
C MET B 36 48.58 7.75 -7.80
N VAL B 37 48.94 6.65 -7.15
CA VAL B 37 48.01 5.80 -6.42
C VAL B 37 47.89 6.27 -4.98
N TYR B 38 46.66 6.56 -4.59
CA TYR B 38 46.33 6.97 -3.22
C TYR B 38 45.07 6.26 -2.71
N ALA B 39 44.90 6.21 -1.38
CA ALA B 39 43.70 5.69 -0.73
C ALA B 39 43.12 6.81 0.13
N THR B 40 41.79 6.95 0.10
CA THR B 40 41.11 7.96 0.90
C THR B 40 41.14 7.54 2.37
N THR B 41 41.24 8.52 3.28
CA THR B 41 41.29 8.29 4.72
C THR B 41 40.36 9.30 5.42
N SER B 42 40.30 9.24 6.76
CA SER B 42 39.60 10.14 7.67
C SER B 42 40.02 11.61 7.51
N ARG B 43 41.26 11.85 7.06
CA ARG B 43 41.87 13.18 6.91
C ARG B 43 41.11 14.10 5.96
N SER B 44 40.42 13.54 4.95
CA SER B 44 39.61 14.33 4.04
C SER B 44 38.11 14.34 4.37
N ALA B 45 37.69 13.77 5.53
CA ALA B 45 36.26 13.73 5.91
C ALA B 45 35.60 15.12 5.92
N SER B 46 36.32 16.16 6.37
CA SER B 46 35.85 17.54 6.44
C SER B 46 35.47 18.10 5.04
N LEU B 47 36.26 17.74 4.01
CA LEU B 47 36.02 18.12 2.63
C LEU B 47 34.74 17.42 2.11
N ARG B 48 34.50 16.16 2.55
CA ARG B 48 33.28 15.41 2.19
C ARG B 48 32.06 16.01 2.84
N GLN B 49 32.16 16.34 4.13
CA GLN B 49 31.06 16.94 4.90
C GLN B 49 30.57 18.19 4.19
N LYS B 50 31.50 19.00 3.64
CA LYS B 50 31.16 20.22 2.90
C LYS B 50 30.37 19.96 1.62
N LYS B 51 30.73 18.91 0.85
CA LYS B 51 30.03 18.51 -0.40
C LYS B 51 28.63 17.97 -0.11
N VAL B 52 28.48 17.14 0.94
CA VAL B 52 27.22 16.45 1.29
C VAL B 52 26.26 17.22 2.20
N THR B 53 26.71 18.33 2.81
CA THR B 53 25.89 19.12 3.74
C THR B 53 25.22 20.32 3.05
N PHE B 54 23.89 20.27 2.88
CA PHE B 54 23.13 21.36 2.26
C PHE B 54 21.64 21.31 2.61
N ASP B 55 20.91 22.41 2.30
CA ASP B 55 19.47 22.52 2.53
C ASP B 55 18.74 22.04 1.30
N ARG B 56 17.96 20.95 1.42
CA ARG B 56 17.19 20.43 0.29
C ARG B 56 15.95 21.27 0.12
N LEU B 57 15.64 21.66 -1.13
CA LEU B 57 14.43 22.44 -1.42
C LEU B 57 13.62 21.67 -2.47
N GLN B 58 12.81 20.70 -1.99
CA GLN B 58 12.00 19.81 -2.82
C GLN B 58 10.58 20.31 -3.07
N VAL B 59 10.12 20.26 -4.34
CA VAL B 59 8.75 20.63 -4.73
C VAL B 59 8.18 19.49 -5.57
N LEU B 60 7.07 18.89 -5.11
CA LEU B 60 6.42 17.79 -5.82
C LEU B 60 5.28 18.30 -6.67
N ASP B 61 5.11 17.75 -7.89
CA ASP B 61 4.02 18.18 -8.77
C ASP B 61 3.11 17.02 -9.20
N ASP B 62 2.19 17.28 -10.15
CA ASP B 62 1.25 16.25 -10.66
C ASP B 62 1.93 15.10 -11.33
N HIS B 63 2.95 15.37 -12.17
CA HIS B 63 3.74 14.34 -12.84
C HIS B 63 4.35 13.38 -11.81
N TYR B 64 4.95 13.93 -10.73
CA TYR B 64 5.53 13.12 -9.65
C TYR B 64 4.44 12.24 -9.05
N ARG B 65 3.31 12.87 -8.64
CA ARG B 65 2.21 12.13 -8.02
C ARG B 65 1.61 11.05 -8.92
N ASP B 66 1.48 11.31 -10.25
CA ASP B 66 0.96 10.33 -11.22
C ASP B 66 1.83 9.08 -11.30
N VAL B 67 3.15 9.29 -11.44
CA VAL B 67 4.15 8.23 -11.56
C VAL B 67 4.16 7.41 -10.30
N LEU B 68 4.10 8.05 -9.12
CA LEU B 68 4.08 7.36 -7.84
C LEU B 68 2.91 6.38 -7.75
N LYS B 69 1.70 6.81 -8.13
CA LYS B 69 0.51 5.97 -8.11
C LYS B 69 0.67 4.78 -9.05
N GLU B 70 1.28 4.97 -10.22
CA GLU B 70 1.55 3.92 -11.20
C GLU B 70 2.51 2.87 -10.61
N MET B 71 3.52 3.31 -9.85
CA MET B 71 4.50 2.44 -9.23
C MET B 71 3.83 1.67 -8.08
N LYS B 72 3.00 2.35 -7.27
CA LYS B 72 2.27 1.74 -6.15
C LYS B 72 1.28 0.69 -6.67
N ALA B 73 0.60 0.96 -7.83
CA ALA B 73 -0.33 -0.03 -8.41
C ALA B 73 0.41 -1.34 -8.77
N LYS B 74 1.68 -1.27 -9.23
CA LYS B 74 2.52 -2.46 -9.54
C LYS B 74 3.06 -3.13 -8.28
N ALA B 75 3.45 -2.34 -7.26
CA ALA B 75 4.00 -2.87 -5.99
C ALA B 75 2.91 -3.61 -5.25
N SER B 76 1.64 -3.20 -5.42
CA SER B 76 0.49 -3.81 -4.76
C SER B 76 0.21 -5.25 -5.23
N THR B 77 0.96 -5.75 -6.25
CA THR B 77 0.89 -7.14 -6.75
C THR B 77 1.83 -8.06 -5.90
N VAL B 78 2.72 -7.46 -5.11
CA VAL B 78 3.75 -8.19 -4.35
C VAL B 78 3.26 -8.76 -3.04
N LYS B 79 3.70 -9.98 -2.76
CA LYS B 79 3.46 -10.63 -1.48
C LYS B 79 4.86 -10.89 -0.96
N ALA B 80 5.29 -10.18 0.09
CA ALA B 80 6.64 -10.34 0.63
C ALA B 80 6.66 -11.21 1.88
N LYS B 81 7.68 -12.04 2.00
CA LYS B 81 7.84 -12.94 3.12
C LYS B 81 8.75 -12.36 4.20
N LEU B 82 8.42 -12.70 5.44
CA LEU B 82 9.21 -12.37 6.62
C LEU B 82 10.27 -13.49 6.69
N LEU B 83 11.56 -13.12 6.67
CA LEU B 83 12.64 -14.11 6.77
C LEU B 83 12.77 -14.59 8.20
N SER B 84 13.20 -15.86 8.41
CA SER B 84 13.43 -16.34 9.77
C SER B 84 14.73 -15.73 10.28
N ILE B 85 14.98 -15.81 11.60
CA ILE B 85 16.23 -15.36 12.20
C ILE B 85 17.36 -16.14 11.51
N GLU B 86 17.18 -17.46 11.29
CA GLU B 86 18.19 -18.32 10.63
C GLU B 86 18.51 -17.94 9.19
N GLU B 87 17.47 -17.67 8.37
CA GLU B 87 17.66 -17.23 6.98
C GLU B 87 18.42 -15.88 6.95
N ALA B 88 18.09 -14.96 7.86
CA ALA B 88 18.72 -13.63 7.93
C ALA B 88 20.18 -13.74 8.40
N CYS B 89 20.46 -14.67 9.34
CA CYS B 89 21.82 -14.96 9.83
C CYS B 89 22.72 -15.51 8.72
N LYS B 90 22.17 -16.38 7.88
CA LYS B 90 22.86 -17.00 6.75
C LYS B 90 23.24 -15.96 5.67
N LEU B 91 22.51 -14.83 5.60
CA LEU B 91 22.79 -13.75 4.65
C LEU B 91 23.90 -12.80 5.08
N THR B 92 24.34 -12.89 6.35
CA THR B 92 25.34 -12.02 6.95
C THR B 92 26.73 -12.39 6.47
N PRO B 93 27.50 -11.44 5.88
CA PRO B 93 28.90 -11.76 5.52
C PRO B 93 29.75 -12.16 6.73
N PRO B 94 30.58 -13.24 6.61
CA PRO B 94 31.45 -13.65 7.74
C PRO B 94 32.33 -12.56 8.37
N HIS B 95 32.68 -11.50 7.61
CA HIS B 95 33.53 -10.41 8.08
C HIS B 95 32.76 -9.10 8.34
N SER B 96 31.41 -9.18 8.45
CA SER B 96 30.55 -8.02 8.74
C SER B 96 30.95 -7.42 10.09
N ALA B 97 30.91 -6.08 10.25
CA ALA B 97 31.29 -5.40 11.50
C ALA B 97 30.57 -6.01 12.69
N LYS B 98 31.35 -6.39 13.72
CA LYS B 98 30.83 -7.04 14.93
C LYS B 98 29.87 -6.09 15.64
N SER B 99 29.00 -6.64 16.49
CA SER B 99 28.06 -5.82 17.23
C SER B 99 28.75 -5.18 18.43
N LYS B 100 28.19 -4.08 18.93
CA LYS B 100 28.73 -3.50 20.17
C LYS B 100 28.24 -4.33 21.39
N PHE B 101 27.32 -5.29 21.14
CA PHE B 101 26.70 -6.13 22.18
C PHE B 101 27.41 -7.44 22.49
N GLY B 102 28.69 -7.53 22.14
CA GLY B 102 29.53 -8.67 22.50
C GLY B 102 29.48 -9.91 21.65
N TYR B 103 29.12 -9.78 20.38
CA TYR B 103 29.14 -10.89 19.44
C TYR B 103 29.52 -10.34 18.07
N GLY B 104 29.96 -11.22 17.18
CA GLY B 104 30.33 -10.83 15.83
C GLY B 104 29.58 -11.57 14.74
N ALA B 105 29.96 -11.31 13.49
CA ALA B 105 29.35 -11.93 12.32
C ALA B 105 29.42 -13.48 12.34
N LYS B 106 30.52 -14.05 12.85
CA LYS B 106 30.65 -15.51 12.94
C LYS B 106 29.63 -16.08 13.93
N ASP B 107 29.36 -15.35 15.04
CA ASP B 107 28.38 -15.70 16.07
C ASP B 107 26.97 -15.64 15.49
N VAL B 108 26.72 -14.64 14.62
CA VAL B 108 25.45 -14.49 13.92
C VAL B 108 25.26 -15.70 12.99
N ARG B 109 26.28 -15.99 12.16
CA ARG B 109 26.24 -17.13 11.24
C ARG B 109 26.11 -18.49 11.97
N ASN B 110 26.64 -18.59 13.21
CA ASN B 110 26.54 -19.81 14.02
C ASN B 110 25.29 -19.83 14.90
N LEU B 111 24.43 -18.77 14.83
CA LEU B 111 23.22 -18.62 15.64
C LEU B 111 23.58 -18.78 17.13
N SER B 112 24.65 -18.08 17.58
CA SER B 112 25.09 -18.17 18.96
C SER B 112 24.01 -17.58 19.85
N SER B 113 23.89 -18.10 21.06
CA SER B 113 22.83 -17.66 21.95
C SER B 113 22.83 -16.15 22.23
N ARG B 114 24.02 -15.52 22.36
CA ARG B 114 24.10 -14.06 22.58
C ARG B 114 23.68 -13.28 21.33
N ALA B 115 24.10 -13.73 20.13
CA ALA B 115 23.75 -13.08 18.88
C ALA B 115 22.22 -13.10 18.69
N VAL B 116 21.61 -14.27 18.91
CA VAL B 116 20.16 -14.51 18.77
C VAL B 116 19.38 -13.71 19.82
N ASN B 117 19.87 -13.69 21.09
CA ASN B 117 19.22 -12.87 22.13
C ASN B 117 19.20 -11.43 21.69
N HIS B 118 20.31 -10.93 21.07
CA HIS B 118 20.35 -9.56 20.60
C HIS B 118 19.39 -9.29 19.47
N ILE B 119 19.45 -10.08 18.38
CA ILE B 119 18.57 -9.96 17.22
C ILE B 119 17.12 -9.97 17.71
N ARG B 120 16.73 -10.96 18.54
CA ARG B 120 15.38 -11.07 19.09
C ARG B 120 14.98 -9.82 19.86
N SER B 121 15.88 -9.28 20.72
CA SER B 121 15.60 -8.08 21.49
C SER B 121 15.45 -6.82 20.61
N VAL B 122 16.23 -6.72 19.51
CA VAL B 122 16.15 -5.58 18.57
C VAL B 122 14.77 -5.68 17.84
N TRP B 123 14.39 -6.91 17.42
CA TRP B 123 13.11 -7.14 16.76
C TRP B 123 11.92 -6.73 17.66
N GLU B 124 11.89 -7.19 18.95
CA GLU B 124 10.82 -6.84 19.90
C GLU B 124 10.77 -5.32 20.12
N ASP B 125 11.95 -4.66 20.20
CA ASP B 125 12.06 -3.21 20.36
C ASP B 125 11.49 -2.43 19.15
N LEU B 126 11.61 -2.97 17.91
CA LEU B 126 11.04 -2.35 16.69
C LEU B 126 9.50 -2.35 16.79
N LEU B 127 8.91 -3.32 17.50
CA LEU B 127 7.47 -3.40 17.71
C LEU B 127 7.02 -2.56 18.91
N GLU B 128 7.87 -2.45 19.93
CA GLU B 128 7.59 -1.74 21.17
C GLU B 128 7.84 -0.24 21.06
N ASP B 129 8.79 0.15 20.19
CA ASP B 129 9.16 1.57 20.07
C ASP B 129 9.07 1.97 18.60
N THR B 130 8.19 2.91 18.30
CA THR B 130 7.94 3.39 16.93
C THR B 130 8.67 4.70 16.60
N GLU B 131 9.42 5.30 17.55
CA GLU B 131 10.00 6.61 17.30
C GLU B 131 11.45 6.92 17.68
N THR B 132 12.00 6.27 18.71
CA THR B 132 13.36 6.58 19.18
C THR B 132 14.40 6.42 18.06
N PRO B 133 15.13 7.48 17.63
CA PRO B 133 16.12 7.29 16.55
C PRO B 133 17.13 6.22 16.92
N ILE B 134 17.39 5.32 15.97
CA ILE B 134 18.32 4.22 16.17
C ILE B 134 19.74 4.77 15.94
N ASP B 135 20.70 4.36 16.77
CA ASP B 135 22.09 4.81 16.65
C ASP B 135 22.74 4.27 15.37
N THR B 136 23.65 5.05 14.79
CA THR B 136 24.43 4.61 13.62
C THR B 136 25.90 5.02 13.82
N THR B 137 26.81 4.34 13.15
CA THR B 137 28.22 4.67 13.19
C THR B 137 28.54 5.38 11.88
N ILE B 138 29.29 6.46 11.96
CA ILE B 138 29.77 7.18 10.77
C ILE B 138 31.28 6.91 10.66
N MET B 139 31.74 6.53 9.46
CA MET B 139 33.15 6.26 9.18
C MET B 139 33.56 6.84 7.84
N ALA B 140 34.85 7.17 7.66
CA ALA B 140 35.34 7.61 6.37
C ALA B 140 35.73 6.36 5.60
N LYS B 141 35.19 6.20 4.39
CA LYS B 141 35.47 5.02 3.57
C LYS B 141 36.90 5.08 3.03
N SER B 142 37.53 3.89 2.92
CA SER B 142 38.85 3.71 2.36
C SER B 142 38.70 3.17 0.94
N GLU B 143 38.97 4.03 -0.06
CA GLU B 143 38.93 3.65 -1.48
C GLU B 143 40.19 4.14 -2.17
N VAL B 144 40.68 3.35 -3.14
CA VAL B 144 41.87 3.62 -3.95
C VAL B 144 41.55 4.27 -5.30
N PHE B 145 42.25 5.36 -5.61
CA PHE B 145 42.13 6.10 -6.86
C PHE B 145 43.50 6.51 -7.39
N CYS B 146 43.52 7.02 -8.62
CA CYS B 146 44.69 7.58 -9.25
C CYS B 146 44.50 9.08 -9.22
N VAL B 147 45.57 9.84 -8.88
CA VAL B 147 45.53 11.31 -8.82
C VAL B 147 45.03 11.87 -10.18
N GLN B 148 44.27 12.98 -10.14
CA GLN B 148 43.70 13.71 -11.30
C GLN B 148 44.18 13.24 -12.68
N ARG B 154 42.48 15.56 -5.31
CA ARG B 154 42.19 14.23 -4.77
C ARG B 154 40.72 14.10 -4.40
N LYS B 155 40.18 12.88 -4.48
CA LYS B 155 38.80 12.67 -4.08
C LYS B 155 38.75 12.53 -2.55
N PRO B 156 37.91 13.32 -1.85
CA PRO B 156 37.78 13.10 -0.40
C PRO B 156 37.06 11.77 -0.10
N ALA B 157 37.32 11.18 1.09
CA ALA B 157 36.66 9.94 1.51
C ALA B 157 35.15 10.09 1.49
N ARG B 158 34.43 9.03 1.06
CA ARG B 158 32.97 8.96 1.15
C ARG B 158 32.66 8.63 2.63
N LEU B 159 31.48 9.01 3.12
CA LEU B 159 31.14 8.73 4.51
C LEU B 159 30.12 7.59 4.61
N ILE B 160 30.50 6.50 5.30
CA ILE B 160 29.70 5.29 5.53
C ILE B 160 28.88 5.50 6.81
N VAL B 161 27.57 5.15 6.78
CA VAL B 161 26.66 5.28 7.92
C VAL B 161 25.88 3.96 8.00
N PHE B 162 26.00 3.27 9.14
CA PHE B 162 25.41 1.96 9.32
C PHE B 162 24.98 1.70 10.75
N PRO B 163 23.85 0.96 10.94
CA PRO B 163 23.41 0.65 12.30
C PRO B 163 24.17 -0.59 12.81
N ASP B 164 23.86 -0.99 14.05
CA ASP B 164 24.49 -2.15 14.67
C ASP B 164 24.13 -3.42 13.92
N LEU B 165 25.02 -4.42 13.99
CA LEU B 165 24.84 -5.75 13.41
C LEU B 165 23.46 -6.35 13.74
N GLY B 166 22.99 -6.21 14.99
CA GLY B 166 21.69 -6.71 15.45
C GLY B 166 20.52 -6.16 14.66
N VAL B 167 20.62 -4.88 14.30
CA VAL B 167 19.61 -4.15 13.51
C VAL B 167 19.68 -4.63 12.05
N ARG B 168 20.90 -4.74 11.51
CA ARG B 168 21.14 -5.21 10.14
C ARG B 168 20.46 -6.56 9.92
N VAL B 169 20.56 -7.50 10.89
CA VAL B 169 19.89 -8.80 10.81
C VAL B 169 18.35 -8.61 10.81
N CYS B 170 17.84 -7.65 11.61
CA CYS B 170 16.40 -7.35 11.69
C CYS B 170 15.91 -6.73 10.40
N GLU B 171 16.74 -5.88 9.75
CA GLU B 171 16.40 -5.30 8.43
C GLU B 171 16.20 -6.45 7.45
N LYS B 172 17.08 -7.49 7.50
CA LYS B 172 16.96 -8.65 6.59
C LYS B 172 15.63 -9.37 6.78
N MET B 173 15.25 -9.65 8.04
CA MET B 173 13.98 -10.36 8.33
C MET B 173 12.77 -9.60 7.80
N ALA B 174 12.76 -8.27 7.97
CA ALA B 174 11.62 -7.47 7.54
C ALA B 174 11.58 -7.12 6.06
N LEU B 175 12.75 -6.81 5.48
CA LEU B 175 12.85 -6.23 4.15
C LEU B 175 13.64 -6.97 3.09
N TYR B 176 14.35 -8.07 3.42
CA TYR B 176 15.14 -8.73 2.39
C TYR B 176 14.30 -9.15 1.18
N ASP B 177 13.18 -9.81 1.41
CA ASP B 177 12.34 -10.25 0.31
C ASP B 177 11.75 -9.07 -0.46
N VAL B 178 11.34 -7.98 0.23
CA VAL B 178 10.83 -6.77 -0.41
C VAL B 178 11.90 -6.19 -1.36
N VAL B 179 13.12 -5.91 -0.86
CA VAL B 179 14.22 -5.31 -1.66
C VAL B 179 14.73 -6.21 -2.80
N SER B 180 14.49 -7.53 -2.69
CA SER B 180 14.95 -8.50 -3.68
C SER B 180 13.91 -8.75 -4.81
N THR B 181 12.62 -8.45 -4.56
CA THR B 181 11.53 -8.77 -5.49
C THR B 181 10.69 -7.56 -5.94
N LEU B 182 10.50 -6.56 -5.07
CA LEU B 182 9.70 -5.38 -5.38
C LEU B 182 10.28 -4.52 -6.53
N PRO B 183 11.60 -4.21 -6.60
CA PRO B 183 12.07 -3.33 -7.71
C PRO B 183 11.72 -3.81 -9.12
N GLN B 184 11.90 -5.10 -9.38
CA GLN B 184 11.54 -5.66 -10.68
C GLN B 184 10.01 -5.60 -10.90
N ALA B 185 9.19 -5.88 -9.86
CA ALA B 185 7.74 -5.83 -10.00
C ALA B 185 7.27 -4.41 -10.36
N VAL B 186 7.98 -3.42 -9.86
CA VAL B 186 7.64 -2.01 -10.05
C VAL B 186 8.17 -1.40 -11.34
N MET B 187 9.44 -1.61 -11.62
CA MET B 187 10.14 -0.97 -12.73
C MET B 187 10.38 -1.83 -13.96
N GLY B 188 10.06 -3.11 -13.84
CA GLY B 188 10.20 -4.08 -14.92
C GLY B 188 11.58 -4.05 -15.54
N SER B 189 11.61 -3.92 -16.89
CA SER B 189 12.82 -3.90 -17.70
C SER B 189 13.81 -2.77 -17.35
N SER B 190 13.31 -1.69 -16.72
CA SER B 190 14.13 -0.55 -16.27
C SER B 190 15.01 -0.82 -15.06
N TYR B 191 14.72 -1.91 -14.30
CA TYR B 191 15.50 -2.28 -13.12
C TYR B 191 16.82 -2.93 -13.58
N GLY B 192 17.92 -2.18 -13.45
CA GLY B 192 19.23 -2.60 -13.96
C GLY B 192 19.87 -3.82 -13.35
N PHE B 193 19.65 -4.02 -12.03
CA PHE B 193 20.27 -5.11 -11.29
C PHE B 193 19.83 -6.52 -11.67
N GLN B 194 18.78 -6.66 -12.50
CA GLN B 194 18.30 -7.98 -12.96
C GLN B 194 19.16 -8.50 -14.12
N TYR B 195 20.10 -7.68 -14.58
CA TYR B 195 20.92 -8.00 -15.73
C TYR B 195 22.34 -8.35 -15.42
N SER B 196 22.80 -9.45 -16.04
CA SER B 196 24.22 -9.79 -16.03
C SER B 196 24.85 -8.77 -17.02
N PRO B 197 26.19 -8.58 -17.09
CA PRO B 197 26.74 -7.63 -18.09
C PRO B 197 26.31 -7.86 -19.56
N LYS B 198 26.22 -9.14 -20.00
CA LYS B 198 25.80 -9.46 -21.37
C LYS B 198 24.33 -9.07 -21.60
N GLN B 199 23.46 -9.34 -20.61
CA GLN B 199 22.04 -8.99 -20.63
C GLN B 199 21.85 -7.47 -20.63
N ARG B 200 22.73 -6.71 -19.92
CA ARG B 200 22.71 -5.26 -19.86
C ARG B 200 23.08 -4.65 -21.22
N VAL B 201 24.15 -5.15 -21.88
CA VAL B 201 24.58 -4.64 -23.19
C VAL B 201 23.45 -4.91 -24.17
N GLU B 202 22.86 -6.11 -24.11
CA GLU B 202 21.76 -6.55 -24.96
C GLU B 202 20.60 -5.60 -24.84
N PHE B 203 20.13 -5.32 -23.60
CA PHE B 203 19.02 -4.41 -23.35
C PHE B 203 19.37 -3.04 -23.90
N LEU B 204 20.60 -2.53 -23.62
CA LEU B 204 21.06 -1.22 -24.11
C LEU B 204 21.03 -1.17 -25.64
N VAL B 205 21.71 -2.13 -26.30
CA VAL B 205 21.79 -2.26 -27.77
C VAL B 205 20.38 -2.37 -28.42
N ASN B 206 19.51 -3.29 -27.95
CA ASN B 206 18.14 -3.46 -28.46
C ASN B 206 17.29 -2.23 -28.25
N THR B 207 17.39 -1.58 -27.06
CA THR B 207 16.64 -0.34 -26.78
C THR B 207 17.06 0.70 -27.82
N TRP B 208 18.38 0.84 -28.05
CA TRP B 208 18.96 1.78 -29.01
C TRP B 208 18.38 1.55 -30.42
N LYS B 209 18.36 0.28 -30.87
CA LYS B 209 17.84 -0.18 -32.17
C LYS B 209 16.34 0.05 -32.34
N SER B 210 15.58 0.00 -31.24
CA SER B 210 14.12 0.17 -31.20
C SER B 210 13.63 1.59 -31.58
N LYS B 211 14.51 2.60 -31.50
CA LYS B 211 14.17 3.98 -31.81
C LYS B 211 14.48 4.29 -33.28
N LYS B 212 13.62 5.11 -33.92
CA LYS B 212 13.76 5.57 -35.32
C LYS B 212 15.05 6.37 -35.37
N CYS B 213 15.14 7.43 -34.56
CA CYS B 213 16.36 8.23 -34.44
C CYS B 213 16.72 8.31 -32.95
N PRO B 214 17.66 7.46 -32.47
CA PRO B 214 17.98 7.46 -31.04
C PRO B 214 18.85 8.62 -30.51
N MET B 215 18.45 9.09 -29.31
CA MET B 215 19.16 10.03 -28.47
C MET B 215 19.20 9.37 -27.09
N GLY B 216 20.32 9.50 -26.41
CA GLY B 216 20.51 8.94 -25.08
C GLY B 216 21.38 9.81 -24.22
N PHE B 217 21.17 9.77 -22.89
CA PHE B 217 21.98 10.49 -21.93
C PHE B 217 22.06 9.77 -20.62
N SER B 218 23.15 10.02 -19.91
CA SER B 218 23.29 9.55 -18.55
C SER B 218 22.96 10.76 -17.67
N TYR B 219 22.43 10.50 -16.48
CA TYR B 219 22.16 11.61 -15.57
C TYR B 219 22.89 11.36 -14.27
N ASP B 220 23.82 12.26 -13.96
CA ASP B 220 24.58 12.18 -12.73
C ASP B 220 23.93 13.09 -11.65
N THR B 221 23.36 12.50 -10.59
CA THR B 221 22.81 13.31 -9.49
C THR B 221 23.99 13.66 -8.57
N ARG B 222 24.11 14.90 -8.16
CA ARG B 222 25.21 15.34 -7.29
C ARG B 222 25.00 14.75 -5.88
N CYS B 223 25.89 13.82 -5.41
CA CYS B 223 25.82 13.18 -4.08
C CYS B 223 24.40 12.75 -3.76
N PHE B 224 23.87 11.81 -4.55
CA PHE B 224 22.48 11.35 -4.48
C PHE B 224 21.92 11.12 -3.08
N ASP B 225 22.65 10.35 -2.22
CA ASP B 225 22.24 10.05 -0.85
C ASP B 225 21.86 11.27 -0.04
N SER B 226 22.61 12.36 -0.19
CA SER B 226 22.39 13.63 0.51
C SER B 226 21.16 14.39 -0.04
N THR B 227 20.79 14.13 -1.30
CA THR B 227 19.63 14.79 -1.92
C THR B 227 18.33 14.09 -1.49
N VAL B 228 18.44 12.87 -0.93
CA VAL B 228 17.28 12.10 -0.48
C VAL B 228 16.65 12.76 0.75
N THR B 229 15.36 13.15 0.63
CA THR B 229 14.59 13.83 1.66
C THR B 229 13.83 12.84 2.54
N GLU B 230 13.35 13.31 3.69
CA GLU B 230 12.49 12.58 4.62
C GLU B 230 11.21 12.17 3.85
N SER B 231 10.66 13.08 3.02
CA SER B 231 9.48 12.80 2.18
C SER B 231 9.81 11.64 1.21
N ASP B 232 10.99 11.69 0.53
CA ASP B 232 11.42 10.60 -0.38
C ASP B 232 11.42 9.25 0.32
N ILE B 233 11.93 9.21 1.56
CA ILE B 233 12.02 7.98 2.36
C ILE B 233 10.63 7.48 2.80
N ARG B 234 9.70 8.41 3.08
CA ARG B 234 8.32 8.08 3.45
C ARG B 234 7.54 7.67 2.20
N VAL B 235 7.90 8.24 1.03
CA VAL B 235 7.29 7.86 -0.27
C VAL B 235 7.73 6.43 -0.59
N GLU B 236 9.01 6.13 -0.38
CA GLU B 236 9.60 4.79 -0.57
C GLU B 236 8.92 3.77 0.38
N GLU B 237 8.73 4.13 1.66
CA GLU B 237 8.00 3.27 2.58
C GLU B 237 6.56 3.04 2.07
N SER B 238 5.88 4.10 1.58
CA SER B 238 4.51 4.00 1.03
C SER B 238 4.40 2.95 -0.09
N ILE B 239 5.47 2.77 -0.87
CA ILE B 239 5.58 1.73 -1.91
C ILE B 239 5.71 0.32 -1.29
N TYR B 240 6.61 0.14 -0.29
CA TYR B 240 6.78 -1.14 0.42
C TYR B 240 5.48 -1.53 1.14
N GLN B 241 4.76 -0.53 1.67
CA GLN B 241 3.52 -0.79 2.41
C GLN B 241 2.38 -1.35 1.52
N CYS B 242 2.54 -1.30 0.17
CA CYS B 242 1.60 -1.87 -0.81
C CYS B 242 1.76 -3.39 -0.90
N CYS B 243 2.86 -3.97 -0.36
CA CYS B 243 3.03 -5.44 -0.35
C CYS B 243 2.10 -6.09 0.61
N ASP B 244 1.76 -7.37 0.34
CA ASP B 244 1.08 -8.17 1.32
C ASP B 244 2.24 -8.52 2.30
N LEU B 245 2.05 -8.15 3.59
CA LEU B 245 3.08 -8.29 4.62
C LEU B 245 2.54 -8.89 5.89
N ALA B 246 3.40 -9.61 6.63
CA ALA B 246 3.04 -10.16 7.93
C ALA B 246 2.87 -8.96 8.87
N PRO B 247 1.93 -8.98 9.82
CA PRO B 247 1.75 -7.78 10.68
C PRO B 247 3.02 -7.22 11.34
N GLU B 248 3.94 -8.09 11.82
CA GLU B 248 5.19 -7.61 12.45
C GLU B 248 6.18 -7.07 11.44
N ALA B 249 6.14 -7.57 10.21
CA ALA B 249 7.00 -7.09 9.12
C ALA B 249 6.53 -5.66 8.78
N ARG B 250 5.21 -5.43 8.76
CA ARG B 250 4.62 -4.12 8.50
C ARG B 250 5.09 -3.10 9.58
N GLN B 251 5.05 -3.50 10.89
CA GLN B 251 5.50 -2.68 12.02
C GLN B 251 7.01 -2.42 11.94
N ALA B 252 7.82 -3.46 11.68
CA ALA B 252 9.26 -3.34 11.53
C ALA B 252 9.62 -2.33 10.42
N ILE B 253 8.93 -2.39 9.27
CA ILE B 253 9.14 -1.44 8.17
C ILE B 253 8.75 -0.03 8.62
N ARG B 254 7.61 0.10 9.33
CA ARG B 254 7.15 1.37 9.85
C ARG B 254 8.19 1.98 10.86
N SER B 255 8.61 1.18 11.85
CA SER B 255 9.58 1.59 12.89
C SER B 255 10.94 1.86 12.29
N LEU B 256 11.46 0.96 11.42
CA LEU B 256 12.75 1.15 10.76
C LEU B 256 12.72 2.42 9.94
N THR B 257 11.59 2.71 9.24
CA THR B 257 11.47 3.95 8.47
C THR B 257 11.66 5.17 9.36
N GLU B 258 10.89 5.25 10.47
CA GLU B 258 10.95 6.42 11.36
C GLU B 258 12.19 6.52 12.18
N ARG B 259 12.72 5.39 12.61
CA ARG B 259 13.86 5.38 13.53
C ARG B 259 15.23 5.29 12.87
N LEU B 260 15.29 4.72 11.66
CA LEU B 260 16.56 4.50 10.97
C LEU B 260 16.64 5.14 9.59
N TYR B 261 15.73 4.77 8.68
CA TYR B 261 15.82 5.21 7.28
C TYR B 261 15.78 6.70 7.00
N ILE B 262 14.93 7.41 7.71
CA ILE B 262 14.67 8.82 7.57
C ILE B 262 15.81 9.68 8.16
N GLY B 263 16.60 9.09 9.04
CA GLY B 263 17.70 9.82 9.64
C GLY B 263 17.97 9.37 11.06
N GLY B 264 18.84 10.10 11.73
CA GLY B 264 19.20 9.78 13.10
C GLY B 264 20.57 10.28 13.50
N PRO B 265 20.98 9.97 14.77
CA PRO B 265 22.29 10.42 15.27
C PRO B 265 23.44 9.64 14.65
N LEU B 266 24.58 10.35 14.52
CA LEU B 266 25.81 9.87 13.93
C LEU B 266 26.85 9.82 15.04
N THR B 267 27.39 8.64 15.27
CA THR B 267 28.38 8.34 16.32
C THR B 267 29.70 7.91 15.66
N ASN B 268 30.83 8.53 16.06
CA ASN B 268 32.12 8.16 15.47
C ASN B 268 32.65 6.90 16.14
N SER B 269 33.80 6.36 15.68
CA SER B 269 34.43 5.16 16.26
C SER B 269 34.82 5.34 17.75
N LYS B 270 34.92 6.60 18.24
CA LYS B 270 35.27 6.90 19.63
C LYS B 270 34.04 6.97 20.55
N GLY B 271 32.85 6.75 19.97
CA GLY B 271 31.59 6.79 20.70
C GLY B 271 31.10 8.21 20.90
N GLN B 272 31.68 9.15 20.17
CA GLN B 272 31.28 10.55 20.30
C GLN B 272 30.16 10.89 19.34
N ASN B 273 29.26 11.79 19.75
CA ASN B 273 28.18 12.25 18.87
C ASN B 273 28.73 13.29 17.86
N CYS B 274 28.71 12.92 16.55
CA CYS B 274 29.16 13.70 15.39
C CYS B 274 28.13 14.64 14.82
N GLY B 275 26.86 14.34 15.08
CA GLY B 275 25.74 15.10 14.55
C GLY B 275 24.53 14.28 14.19
N TYR B 276 23.74 14.80 13.23
CA TYR B 276 22.47 14.21 12.82
C TYR B 276 22.34 14.13 11.30
N ARG B 277 21.79 13.00 10.82
CA ARG B 277 21.54 12.72 9.40
C ARG B 277 20.02 12.84 9.09
N ARG B 278 19.66 13.59 8.03
CA ARG B 278 18.26 13.70 7.60
C ARG B 278 18.15 13.32 6.11
N CYS B 279 18.97 12.35 5.70
CA CYS B 279 19.06 11.85 4.34
C CYS B 279 19.39 10.36 4.35
N ARG B 280 19.65 9.79 3.16
CA ARG B 280 20.00 8.40 2.97
C ARG B 280 21.29 8.01 3.67
N ALA B 281 21.24 6.91 4.44
CA ALA B 281 22.37 6.26 5.09
C ALA B 281 22.91 5.31 4.02
N SER B 282 24.23 5.30 3.81
CA SER B 282 24.83 4.41 2.81
C SER B 282 24.73 2.94 3.17
N GLY B 283 24.76 2.65 4.48
CA GLY B 283 24.88 1.28 4.96
C GLY B 283 23.69 0.65 5.62
N VAL B 284 22.53 0.76 4.97
CA VAL B 284 21.31 0.08 5.44
C VAL B 284 20.84 -0.83 4.28
N LEU B 285 19.99 -1.82 4.56
CA LEU B 285 19.51 -2.74 3.55
C LEU B 285 18.75 -2.07 2.40
N THR B 286 17.93 -1.06 2.70
CA THR B 286 17.09 -0.41 1.70
C THR B 286 17.82 0.59 0.79
N THR B 287 19.13 0.83 0.98
CA THR B 287 19.83 1.82 0.15
C THR B 287 19.76 1.58 -1.35
N SER B 288 20.07 0.37 -1.81
CA SER B 288 20.06 0.12 -3.24
C SER B 288 18.66 0.28 -3.87
N CYS B 289 17.66 -0.43 -3.28
CA CYS B 289 16.24 -0.46 -3.66
C CYS B 289 15.62 0.93 -3.55
N GLY B 290 15.80 1.57 -2.38
CA GLY B 290 15.32 2.91 -2.13
C GLY B 290 15.84 3.92 -3.11
N ASN B 291 17.17 3.91 -3.40
CA ASN B 291 17.71 4.83 -4.40
C ASN B 291 17.21 4.52 -5.77
N THR B 292 17.10 3.23 -6.14
CA THR B 292 16.62 2.84 -7.47
C THR B 292 15.17 3.33 -7.66
N LEU B 293 14.28 3.07 -6.68
CA LEU B 293 12.87 3.50 -6.74
C LEU B 293 12.77 5.01 -6.82
N THR B 294 13.55 5.75 -6.01
CA THR B 294 13.59 7.21 -5.91
C THR B 294 14.08 7.84 -7.20
N CYS B 295 15.21 7.35 -7.74
CA CYS B 295 15.78 7.87 -8.98
C CYS B 295 14.80 7.61 -10.13
N TYR B 296 14.26 6.38 -10.21
CA TYR B 296 13.29 6.00 -11.25
C TYR B 296 12.08 6.90 -11.18
N LEU B 297 11.50 7.08 -9.96
CA LEU B 297 10.34 7.93 -9.77
C LEU B 297 10.59 9.35 -10.27
N LYS B 298 11.64 9.99 -9.78
CA LYS B 298 11.99 11.36 -10.12
C LYS B 298 12.28 11.49 -11.62
N ALA B 299 13.09 10.58 -12.19
CA ALA B 299 13.43 10.62 -13.62
C ALA B 299 12.20 10.45 -14.51
N THR B 300 11.29 9.51 -14.17
CA THR B 300 10.06 9.28 -14.96
C THR B 300 9.21 10.50 -15.04
N ALA B 301 8.96 11.15 -13.91
CA ALA B 301 8.16 12.35 -13.82
C ALA B 301 8.86 13.49 -14.57
N ALA B 302 10.18 13.61 -14.40
CA ALA B 302 10.99 14.63 -15.05
C ALA B 302 10.98 14.45 -16.58
N CYS B 303 10.97 13.19 -17.08
CA CYS B 303 10.87 12.88 -18.51
C CYS B 303 9.53 13.43 -19.07
N ARG B 304 8.44 13.34 -18.29
CA ARG B 304 7.12 13.84 -18.67
C ARG B 304 7.07 15.36 -18.69
N ALA B 305 7.68 16.02 -17.68
CA ALA B 305 7.70 17.48 -17.64
C ALA B 305 8.62 18.03 -18.74
N ALA B 306 9.68 17.26 -19.10
CA ALA B 306 10.66 17.65 -20.12
C ALA B 306 10.13 17.48 -21.53
N LYS B 307 9.07 16.66 -21.68
CA LYS B 307 8.43 16.31 -22.95
C LYS B 307 9.38 15.48 -23.82
N LEU B 308 10.23 14.68 -23.17
CA LEU B 308 11.13 13.75 -23.86
C LEU B 308 10.19 12.64 -24.33
N GLN B 309 10.38 12.19 -25.58
CA GLN B 309 9.49 11.21 -26.17
C GLN B 309 10.07 9.82 -26.23
N ASP B 310 9.21 8.80 -26.04
CA ASP B 310 9.57 7.37 -26.13
C ASP B 310 10.77 7.00 -25.25
N CYS B 311 10.76 7.43 -23.98
CA CYS B 311 11.84 7.15 -23.04
C CYS B 311 11.90 5.73 -22.58
N THR B 312 13.09 5.16 -22.60
CA THR B 312 13.38 3.88 -21.98
C THR B 312 14.50 4.22 -21.01
N MET B 313 14.27 3.91 -19.72
CA MET B 313 15.27 4.19 -18.71
C MET B 313 15.87 2.93 -18.15
N LEU B 314 17.07 3.05 -17.62
CA LEU B 314 17.79 1.96 -17.01
C LEU B 314 18.41 2.51 -15.75
N VAL B 315 17.86 2.10 -14.60
CA VAL B 315 18.23 2.60 -13.28
C VAL B 315 18.91 1.51 -12.41
N ASN B 316 20.04 1.86 -11.78
CA ASN B 316 20.79 1.01 -10.84
C ASN B 316 21.15 1.95 -9.69
N GLY B 317 20.31 2.02 -8.66
CA GLY B 317 20.50 2.93 -7.53
C GLY B 317 20.40 4.38 -7.98
N ASP B 318 21.47 5.17 -7.74
CA ASP B 318 21.56 6.56 -8.18
C ASP B 318 22.01 6.69 -9.66
N ASP B 319 22.32 5.56 -10.32
CA ASP B 319 22.82 5.58 -11.69
C ASP B 319 21.68 5.46 -12.69
N LEU B 320 21.57 6.47 -13.55
CA LEU B 320 20.52 6.60 -14.53
C LEU B 320 21.00 6.78 -15.95
N VAL B 321 20.36 6.08 -16.86
CA VAL B 321 20.57 6.23 -18.30
C VAL B 321 19.21 6.23 -18.99
N VAL B 322 19.00 7.20 -19.88
CA VAL B 322 17.76 7.34 -20.60
C VAL B 322 18.04 7.24 -22.10
N ILE B 323 17.28 6.37 -22.82
CA ILE B 323 17.35 6.28 -24.28
C ILE B 323 15.96 6.66 -24.80
N CYS B 324 15.92 7.67 -25.68
CA CYS B 324 14.65 8.12 -26.23
C CYS B 324 14.72 8.35 -27.73
N GLU B 325 13.60 8.81 -28.28
CA GLU B 325 13.36 9.12 -29.68
C GLU B 325 13.76 10.60 -29.89
N SER B 326 14.79 10.86 -30.72
CA SER B 326 15.25 12.23 -30.98
C SER B 326 14.18 13.11 -31.64
N ALA B 327 14.15 14.39 -31.25
CA ALA B 327 13.25 15.40 -31.79
C ALA B 327 14.06 16.45 -32.57
N GLY B 328 15.32 16.11 -32.87
CA GLY B 328 16.27 17.02 -33.50
C GLY B 328 17.20 17.53 -32.40
N THR B 329 18.40 17.99 -32.78
CA THR B 329 19.42 18.40 -31.83
C THR B 329 19.09 19.58 -30.91
N GLN B 330 18.38 20.60 -31.44
CA GLN B 330 18.00 21.80 -30.67
C GLN B 330 16.96 21.44 -29.62
N GLU B 331 15.92 20.71 -30.07
CA GLU B 331 14.78 20.25 -29.30
C GLU B 331 15.22 19.28 -28.19
N ASP B 332 16.23 18.41 -28.47
CA ASP B 332 16.77 17.42 -27.52
C ASP B 332 17.53 18.10 -26.40
N ALA B 333 18.40 19.06 -26.75
CA ALA B 333 19.19 19.82 -25.76
C ALA B 333 18.25 20.66 -24.85
N ALA B 334 17.15 21.21 -25.42
CA ALA B 334 16.16 21.98 -24.67
C ALA B 334 15.33 21.07 -23.75
N ALA B 335 14.99 19.85 -24.22
CA ALA B 335 14.21 18.90 -23.43
C ALA B 335 15.04 18.42 -22.23
N LEU B 336 16.36 18.19 -22.43
CA LEU B 336 17.29 17.79 -21.37
C LEU B 336 17.45 18.90 -20.33
N ARG B 337 17.46 20.17 -20.77
CA ARG B 337 17.53 21.34 -19.88
C ARG B 337 16.31 21.33 -18.98
N ALA B 338 15.10 21.09 -19.56
CA ALA B 338 13.84 20.99 -18.84
C ALA B 338 13.85 19.77 -17.91
N PHE B 339 14.44 18.63 -18.33
CA PHE B 339 14.60 17.43 -17.52
C PHE B 339 15.45 17.76 -16.26
N THR B 340 16.58 18.46 -16.45
CA THR B 340 17.50 18.85 -15.39
C THR B 340 16.83 19.79 -14.38
N GLU B 341 16.04 20.77 -14.85
CA GLU B 341 15.31 21.68 -13.97
C GLU B 341 14.27 20.96 -13.11
N ALA B 342 13.59 19.96 -13.71
CA ALA B 342 12.57 19.14 -13.05
C ALA B 342 13.21 18.22 -12.00
N MET B 343 14.35 17.57 -12.33
CA MET B 343 15.09 16.73 -11.37
C MET B 343 15.58 17.59 -10.21
N THR B 344 16.00 18.85 -10.52
CA THR B 344 16.47 19.80 -9.52
C THR B 344 15.38 20.11 -8.49
N ARG B 345 14.16 20.48 -8.97
CA ARG B 345 13.00 20.80 -8.13
C ARG B 345 12.61 19.60 -7.28
N TYR B 346 12.84 18.39 -7.80
CA TYR B 346 12.53 17.14 -7.10
C TYR B 346 13.63 16.74 -6.10
N SER B 347 14.68 17.56 -5.91
CA SER B 347 15.80 17.23 -5.01
C SER B 347 16.67 16.12 -5.61
N ALA B 348 16.98 16.24 -6.91
CA ALA B 348 17.92 15.38 -7.62
C ALA B 348 18.78 16.29 -8.55
N PRO B 349 19.49 17.28 -7.92
CA PRO B 349 20.32 18.21 -8.70
C PRO B 349 21.45 17.55 -9.46
N PRO B 350 21.89 18.10 -10.59
CA PRO B 350 22.96 17.42 -11.34
C PRO B 350 24.38 17.57 -10.80
N GLY B 351 25.18 16.51 -11.02
CA GLY B 351 26.62 16.52 -10.72
C GLY B 351 27.26 17.01 -12.01
N ASP B 352 27.78 16.07 -12.81
CA ASP B 352 28.30 16.40 -14.16
C ASP B 352 27.11 16.85 -14.99
N PRO B 353 27.22 17.92 -15.80
CA PRO B 353 26.06 18.35 -16.61
C PRO B 353 25.63 17.30 -17.66
N PRO B 354 24.34 16.88 -17.70
CA PRO B 354 23.93 15.90 -18.75
C PRO B 354 23.99 16.51 -20.14
N GLN B 355 24.22 15.68 -21.12
CA GLN B 355 24.29 16.11 -22.51
C GLN B 355 23.73 15.02 -23.44
N PRO B 356 22.94 15.41 -24.49
CA PRO B 356 22.42 14.40 -25.43
C PRO B 356 23.56 13.75 -26.19
N GLU B 357 23.45 12.44 -26.46
CA GLU B 357 24.44 11.67 -27.22
C GLU B 357 23.70 10.96 -28.32
N TYR B 358 24.31 10.85 -29.51
CA TYR B 358 23.69 10.20 -30.66
C TYR B 358 24.46 8.95 -31.05
N ASP B 359 25.52 8.65 -30.30
CA ASP B 359 26.34 7.45 -30.43
C ASP B 359 26.29 6.74 -29.07
N LEU B 360 25.76 5.49 -29.05
CA LEU B 360 25.61 4.66 -27.85
C LEU B 360 26.94 4.39 -27.15
N GLU B 361 28.03 4.27 -27.92
CA GLU B 361 29.38 4.04 -27.39
C GLU B 361 29.85 5.23 -26.56
N LEU B 362 29.22 6.42 -26.78
CA LEU B 362 29.58 7.65 -26.08
C LEU B 362 28.87 7.84 -24.75
N ILE B 363 27.89 6.99 -24.42
CA ILE B 363 27.22 7.07 -23.14
C ILE B 363 27.98 6.22 -22.09
N THR B 364 28.30 6.83 -20.94
CA THR B 364 28.88 6.11 -19.81
C THR B 364 27.73 5.98 -18.81
N SER B 365 27.36 4.73 -18.45
CA SER B 365 26.31 4.40 -17.48
C SER B 365 26.81 3.22 -16.62
N CYS B 366 26.67 3.33 -15.28
CA CYS B 366 27.22 2.38 -14.28
C CYS B 366 28.74 2.29 -14.48
N SER B 367 29.37 3.48 -14.71
CA SER B 367 30.81 3.72 -14.98
C SER B 367 31.31 2.96 -16.23
N SER B 368 30.36 2.43 -17.04
CA SER B 368 30.63 1.62 -18.22
C SER B 368 30.09 2.21 -19.51
N ASN B 369 30.65 1.76 -20.65
CA ASN B 369 30.18 2.14 -21.99
C ASN B 369 30.18 0.88 -22.86
N VAL B 370 29.27 0.86 -23.84
CA VAL B 370 29.17 -0.22 -24.82
C VAL B 370 30.34 -0.02 -25.80
N SER B 371 31.01 -1.11 -26.18
CA SER B 371 32.05 -1.08 -27.18
C SER B 371 31.90 -2.34 -27.99
N VAL B 372 32.59 -2.43 -29.12
CA VAL B 372 32.48 -3.61 -29.98
C VAL B 372 33.84 -4.13 -30.42
N ALA B 373 33.97 -5.45 -30.40
CA ALA B 373 35.09 -6.24 -30.86
C ALA B 373 34.48 -7.33 -31.77
N HIS B 374 35.28 -8.30 -32.20
CA HIS B 374 34.80 -9.40 -33.04
C HIS B 374 35.28 -10.69 -32.43
N ASP B 375 34.45 -11.76 -32.51
CA ASP B 375 34.87 -13.07 -32.01
C ASP B 375 35.78 -13.75 -33.06
N ALA B 376 36.08 -15.05 -32.91
CA ALA B 376 36.94 -15.79 -33.84
C ALA B 376 36.42 -15.78 -35.31
N SER B 377 35.09 -15.66 -35.51
CA SER B 377 34.42 -15.69 -36.82
C SER B 377 34.22 -14.33 -37.46
N GLY B 378 34.74 -13.27 -36.84
CA GLY B 378 34.55 -11.92 -37.32
C GLY B 378 33.20 -11.37 -36.87
N LYS B 379 32.35 -12.23 -36.25
CA LYS B 379 31.03 -11.88 -35.69
C LYS B 379 31.18 -10.72 -34.70
N ARG B 380 30.39 -9.66 -34.89
CA ARG B 380 30.41 -8.48 -34.04
C ARG B 380 29.87 -8.82 -32.65
N VAL B 381 30.65 -8.47 -31.61
CA VAL B 381 30.26 -8.71 -30.22
C VAL B 381 30.23 -7.40 -29.46
N TYR B 382 29.07 -7.08 -28.90
CA TYR B 382 28.91 -5.89 -28.07
C TYR B 382 29.24 -6.29 -26.64
N TYR B 383 29.95 -5.41 -25.93
CA TYR B 383 30.36 -5.68 -24.55
C TYR B 383 30.52 -4.37 -23.80
N LEU B 384 30.50 -4.44 -22.45
CA LEU B 384 30.71 -3.27 -21.62
C LEU B 384 32.14 -3.17 -21.20
N THR B 385 32.65 -1.95 -21.26
CA THR B 385 34.01 -1.65 -20.82
C THR B 385 33.99 -0.41 -19.99
N ARG B 386 35.15 0.02 -19.53
CA ARG B 386 35.30 1.23 -18.75
C ARG B 386 36.73 1.70 -18.82
N ASP B 387 36.97 2.96 -18.42
CA ASP B 387 38.34 3.46 -18.33
C ASP B 387 38.98 2.55 -17.25
N PRO B 388 40.13 1.87 -17.53
CA PRO B 388 40.71 0.97 -16.53
C PRO B 388 41.57 1.63 -15.44
N THR B 389 41.65 2.98 -15.36
CA THR B 389 42.49 3.66 -14.33
C THR B 389 42.21 3.15 -12.89
N THR B 390 40.96 3.35 -12.40
CA THR B 390 40.55 2.92 -11.05
C THR B 390 40.80 1.43 -10.83
N PRO B 391 40.30 0.52 -11.71
CA PRO B 391 40.61 -0.91 -11.55
C PRO B 391 42.10 -1.27 -11.48
N LEU B 392 42.94 -0.62 -12.30
CA LEU B 392 44.38 -0.88 -12.30
C LEU B 392 45.07 -0.32 -11.04
N ALA B 393 44.66 0.89 -10.57
CA ALA B 393 45.19 1.49 -9.34
C ALA B 393 44.82 0.61 -8.12
N ARG B 394 43.56 0.14 -8.05
CA ARG B 394 43.09 -0.76 -6.98
C ARG B 394 43.80 -2.09 -7.03
N ALA B 395 44.12 -2.59 -8.26
CA ALA B 395 44.86 -3.84 -8.47
C ALA B 395 46.27 -3.75 -7.94
N ALA B 396 46.97 -2.61 -8.18
CA ALA B 396 48.32 -2.34 -7.67
C ALA B 396 48.31 -2.33 -6.14
N TRP B 397 47.31 -1.65 -5.53
CA TRP B 397 47.12 -1.59 -4.08
C TRP B 397 46.92 -2.98 -3.46
N GLU B 398 46.02 -3.81 -4.08
CA GLU B 398 45.71 -5.16 -3.62
C GLU B 398 46.86 -6.14 -3.77
N THR B 399 47.76 -5.89 -4.75
CA THR B 399 48.97 -6.69 -4.97
C THR B 399 49.96 -6.43 -3.81
N ALA B 400 50.10 -5.14 -3.41
CA ALA B 400 51.04 -4.66 -2.38
C ALA B 400 50.54 -4.77 -0.94
N ARG B 401 49.23 -4.67 -0.73
CA ARG B 401 48.61 -4.72 0.60
C ARG B 401 47.48 -5.74 0.62
N HIS B 402 47.34 -6.49 1.74
CA HIS B 402 46.24 -7.45 1.90
C HIS B 402 44.96 -6.68 2.23
N THR B 403 43.92 -6.81 1.36
CA THR B 403 42.66 -6.09 1.52
C THR B 403 41.46 -7.05 1.76
N PRO B 404 40.40 -6.61 2.48
CA PRO B 404 39.24 -7.51 2.71
C PRO B 404 38.54 -7.98 1.42
N ILE B 405 38.27 -7.04 0.49
CA ILE B 405 37.60 -7.28 -0.79
C ILE B 405 38.60 -7.19 -1.94
N ASN B 406 38.57 -8.18 -2.84
CA ASN B 406 39.43 -8.27 -4.01
C ASN B 406 38.71 -7.64 -5.19
N SER B 407 38.95 -6.33 -5.42
CA SER B 407 38.29 -5.61 -6.52
C SER B 407 38.73 -6.16 -7.88
N TRP B 408 39.99 -6.66 -7.96
CA TRP B 408 40.54 -7.26 -9.19
C TRP B 408 39.69 -8.41 -9.69
N LEU B 409 39.25 -9.27 -8.76
CA LEU B 409 38.44 -10.46 -9.05
C LEU B 409 37.05 -10.11 -9.56
N GLY B 410 36.37 -9.19 -8.87
CA GLY B 410 35.07 -8.69 -9.31
C GLY B 410 35.17 -8.03 -10.67
N ASN B 411 36.28 -7.27 -10.91
CA ASN B 411 36.51 -6.62 -12.20
C ASN B 411 36.75 -7.62 -13.35
N ILE B 412 37.49 -8.73 -13.09
CA ILE B 412 37.71 -9.81 -14.07
C ILE B 412 36.35 -10.47 -14.37
N ILE B 413 35.49 -10.65 -13.34
CA ILE B 413 34.17 -11.27 -13.51
C ILE B 413 33.25 -10.40 -14.37
N MET B 414 33.17 -9.10 -14.04
CA MET B 414 32.28 -8.15 -14.70
C MET B 414 32.80 -7.61 -16.03
N TYR B 415 34.12 -7.50 -16.18
CA TYR B 415 34.74 -6.95 -17.38
C TYR B 415 35.62 -7.94 -18.10
N ALA B 416 35.29 -9.23 -17.96
CA ALA B 416 35.99 -10.34 -18.61
C ALA B 416 36.26 -10.17 -20.14
N PRO B 417 35.35 -9.60 -20.97
CA PRO B 417 35.67 -9.48 -22.41
C PRO B 417 36.60 -8.32 -22.77
N THR B 418 36.87 -7.40 -21.83
CA THR B 418 37.70 -6.22 -22.07
C THR B 418 39.16 -6.60 -22.33
N LEU B 419 39.83 -5.76 -23.12
CA LEU B 419 41.24 -5.90 -23.49
C LEU B 419 42.13 -5.81 -22.21
N TRP B 420 41.87 -4.83 -21.33
CA TRP B 420 42.61 -4.61 -20.08
C TRP B 420 42.45 -5.71 -19.03
N ALA B 421 41.23 -6.23 -18.81
CA ALA B 421 41.00 -7.30 -17.82
C ALA B 421 41.69 -8.58 -18.24
N ARG B 422 41.59 -8.92 -19.54
CA ARG B 422 42.17 -10.13 -20.11
C ARG B 422 43.70 -10.10 -20.16
N MET B 423 44.27 -9.05 -20.73
CA MET B 423 45.72 -8.96 -20.91
C MET B 423 46.50 -8.58 -19.67
N ILE B 424 45.94 -7.68 -18.85
CA ILE B 424 46.60 -7.22 -17.64
C ILE B 424 46.16 -7.97 -16.38
N LEU B 425 44.90 -7.75 -15.89
CA LEU B 425 44.39 -8.35 -14.66
C LEU B 425 44.50 -9.87 -14.59
N MET B 426 44.06 -10.58 -15.64
CA MET B 426 44.14 -12.03 -15.68
C MET B 426 45.59 -12.50 -15.67
N THR B 427 46.47 -11.87 -16.49
CA THR B 427 47.89 -12.26 -16.53
C THR B 427 48.55 -12.02 -15.19
N HIS B 428 48.44 -10.78 -14.67
CA HIS B 428 49.03 -10.35 -13.40
C HIS B 428 48.62 -11.23 -12.22
N PHE B 429 47.31 -11.38 -11.98
CA PHE B 429 46.83 -12.17 -10.84
C PHE B 429 47.02 -13.66 -10.98
N PHE B 430 46.90 -14.19 -12.20
CA PHE B 430 47.14 -15.62 -12.40
C PHE B 430 48.59 -16.04 -12.14
N SER B 431 49.59 -15.18 -12.46
CA SER B 431 51.03 -15.44 -12.21
C SER B 431 51.30 -15.48 -10.70
N ILE B 432 50.74 -14.49 -9.95
CA ILE B 432 50.88 -14.36 -8.49
C ILE B 432 50.29 -15.58 -7.79
N LEU B 433 49.04 -15.96 -8.13
CA LEU B 433 48.35 -17.09 -7.51
C LEU B 433 49.00 -18.44 -7.81
N LEU B 434 49.59 -18.58 -9.02
CA LEU B 434 50.32 -19.78 -9.47
C LEU B 434 51.55 -20.01 -8.57
N ALA B 435 52.36 -18.93 -8.35
CA ALA B 435 53.58 -18.92 -7.54
C ALA B 435 53.28 -19.21 -6.08
N GLN B 436 52.18 -18.63 -5.57
CA GLN B 436 51.72 -18.78 -4.20
C GLN B 436 50.94 -20.10 -3.98
N GLU B 437 50.59 -20.83 -5.09
CA GLU B 437 49.79 -22.08 -5.06
C GLU B 437 48.42 -21.85 -4.41
N GLN B 438 47.78 -20.72 -4.73
CA GLN B 438 46.51 -20.29 -4.14
C GLN B 438 45.40 -20.10 -5.17
N LEU B 439 45.56 -20.71 -6.36
CA LEU B 439 44.54 -20.62 -7.43
C LEU B 439 43.21 -21.22 -6.93
N GLY B 440 43.31 -22.22 -6.05
CA GLY B 440 42.16 -22.88 -5.45
C GLY B 440 41.60 -22.23 -4.20
N LYS B 441 42.19 -21.10 -3.76
CA LYS B 441 41.73 -20.41 -2.56
C LYS B 441 40.60 -19.42 -2.86
N ALA B 442 39.41 -19.64 -2.23
CA ALA B 442 38.23 -18.78 -2.38
C ALA B 442 38.54 -17.38 -1.87
N LEU B 443 38.19 -16.38 -2.67
CA LEU B 443 38.44 -14.98 -2.36
C LEU B 443 37.16 -14.16 -2.37
N ASP B 444 37.09 -13.16 -1.48
CA ASP B 444 35.93 -12.28 -1.38
C ASP B 444 35.94 -11.21 -2.43
N CYS B 445 34.80 -11.04 -3.08
CA CYS B 445 34.63 -10.02 -4.09
C CYS B 445 33.18 -9.55 -4.07
N GLN B 446 32.87 -8.46 -4.79
CA GLN B 446 31.53 -7.93 -4.78
C GLN B 446 30.88 -7.80 -6.15
N ILE B 447 29.66 -8.33 -6.25
CA ILE B 447 28.83 -8.26 -7.47
C ILE B 447 27.55 -7.53 -7.08
N TYR B 448 27.31 -6.35 -7.69
CA TYR B 448 26.17 -5.48 -7.43
C TYR B 448 25.95 -5.28 -5.91
N GLY B 449 27.04 -5.05 -5.19
CA GLY B 449 26.99 -4.83 -3.75
C GLY B 449 27.01 -6.04 -2.84
N ALA B 450 26.64 -7.21 -3.33
CA ALA B 450 26.62 -8.43 -2.50
C ALA B 450 28.00 -9.08 -2.48
N CYS B 451 28.36 -9.72 -1.35
CA CYS B 451 29.65 -10.39 -1.19
C CYS B 451 29.57 -11.81 -1.66
N TYR B 452 30.57 -12.23 -2.42
CA TYR B 452 30.70 -13.58 -2.94
C TYR B 452 32.09 -14.11 -2.63
N SER B 453 32.20 -15.39 -2.31
CA SER B 453 33.47 -16.05 -2.07
C SER B 453 33.73 -16.94 -3.30
N ILE B 454 34.68 -16.53 -4.16
CA ILE B 454 34.96 -17.18 -5.45
C ILE B 454 36.39 -17.68 -5.60
N GLU B 455 36.52 -18.91 -6.12
CA GLU B 455 37.81 -19.51 -6.41
C GLU B 455 38.24 -19.06 -7.80
N PRO B 456 39.45 -18.48 -7.96
CA PRO B 456 39.90 -18.08 -9.30
C PRO B 456 39.87 -19.21 -10.34
N LEU B 457 39.95 -20.49 -9.89
CA LEU B 457 39.91 -21.65 -10.78
C LEU B 457 38.53 -21.85 -11.43
N ASP B 458 37.47 -21.20 -10.88
CA ASP B 458 36.10 -21.29 -11.40
C ASP B 458 35.75 -20.18 -12.39
N LEU B 459 36.69 -19.25 -12.62
CA LEU B 459 36.53 -18.14 -13.54
C LEU B 459 36.11 -18.51 -14.96
N PRO B 460 36.77 -19.49 -15.66
CA PRO B 460 36.33 -19.82 -17.03
C PRO B 460 34.84 -20.13 -17.17
N GLN B 461 34.28 -20.92 -16.23
CA GLN B 461 32.86 -21.26 -16.22
C GLN B 461 32.00 -20.05 -15.90
N ILE B 462 32.44 -19.18 -14.96
CA ILE B 462 31.72 -17.96 -14.57
C ILE B 462 31.68 -17.02 -15.78
N ILE B 463 32.83 -16.78 -16.43
CA ILE B 463 32.94 -15.89 -17.58
C ILE B 463 32.04 -16.32 -18.74
N GLU B 464 32.09 -17.61 -19.10
CA GLU B 464 31.32 -18.19 -20.18
C GLU B 464 29.81 -18.00 -19.95
N ARG B 465 29.35 -18.27 -18.73
CA ARG B 465 27.97 -18.11 -18.32
C ARG B 465 27.47 -16.67 -18.37
N LEU B 466 28.28 -15.70 -17.92
CA LEU B 466 27.87 -14.28 -17.84
C LEU B 466 28.12 -13.46 -19.09
N HIS B 467 29.04 -13.90 -19.96
CA HIS B 467 29.50 -13.14 -21.12
C HIS B 467 29.43 -13.88 -22.44
N GLY B 468 29.43 -15.21 -22.38
CA GLY B 468 29.48 -16.04 -23.59
C GLY B 468 30.90 -16.48 -23.90
N LEU B 469 31.05 -17.49 -24.76
CA LEU B 469 32.35 -18.02 -25.17
C LEU B 469 33.18 -16.97 -25.91
N SER B 470 32.52 -16.03 -26.61
CA SER B 470 33.17 -14.95 -27.35
C SER B 470 34.17 -14.17 -26.50
N ALA B 471 33.91 -14.08 -25.17
CA ALA B 471 34.77 -13.40 -24.19
C ALA B 471 36.21 -13.93 -24.23
N PHE B 472 36.41 -15.18 -24.68
CA PHE B 472 37.71 -15.84 -24.81
C PHE B 472 38.34 -15.73 -26.22
N THR B 473 37.63 -15.12 -27.18
CA THR B 473 38.12 -14.99 -28.56
C THR B 473 38.04 -13.57 -29.11
N LEU B 474 37.50 -12.61 -28.34
CA LEU B 474 37.42 -11.23 -28.81
C LEU B 474 38.77 -10.71 -29.28
N HIS B 475 38.75 -10.02 -30.42
CA HIS B 475 39.92 -9.41 -31.03
C HIS B 475 39.42 -8.23 -31.86
N SER B 476 40.32 -7.51 -32.55
CA SER B 476 39.97 -6.35 -33.38
C SER B 476 39.08 -5.35 -32.57
N TYR B 477 39.63 -4.91 -31.44
CA TYR B 477 38.98 -3.96 -30.53
C TYR B 477 39.02 -2.58 -31.20
N SER B 478 38.06 -1.71 -30.85
CA SER B 478 37.96 -0.38 -31.45
C SER B 478 39.21 0.50 -31.19
N PRO B 479 39.63 1.36 -32.16
CA PRO B 479 40.81 2.21 -31.89
C PRO B 479 40.62 3.17 -30.70
N GLY B 480 39.39 3.68 -30.49
CA GLY B 480 39.04 4.55 -29.38
C GLY B 480 39.28 3.86 -28.04
N GLU B 481 38.89 2.57 -27.94
CA GLU B 481 39.07 1.72 -26.79
C GLU B 481 40.57 1.42 -26.56
N ILE B 482 41.28 0.96 -27.63
CA ILE B 482 42.72 0.63 -27.58
C ILE B 482 43.51 1.83 -27.07
N ASN B 483 43.25 3.02 -27.64
CA ASN B 483 43.90 4.27 -27.27
C ASN B 483 43.63 4.62 -25.81
N ARG B 484 42.37 4.42 -25.35
CA ARG B 484 41.95 4.66 -23.97
C ARG B 484 42.80 3.82 -23.02
N VAL B 485 42.92 2.51 -23.33
CA VAL B 485 43.73 1.57 -22.54
C VAL B 485 45.22 1.96 -22.59
N ALA B 486 45.77 2.23 -23.81
CA ALA B 486 47.17 2.60 -24.01
C ALA B 486 47.56 3.85 -23.23
N SER B 487 46.73 4.92 -23.30
CA SER B 487 46.97 6.16 -22.58
C SER B 487 46.98 5.93 -21.05
N CYS B 488 46.04 5.11 -20.53
CA CYS B 488 45.92 4.78 -19.12
C CYS B 488 47.18 4.12 -18.62
N LEU B 489 47.70 3.14 -19.38
CA LEU B 489 48.91 2.40 -19.05
C LEU B 489 50.11 3.33 -18.93
N ARG B 490 50.25 4.29 -19.87
CA ARG B 490 51.29 5.32 -19.90
C ARG B 490 51.15 6.25 -18.71
N LYS B 491 49.90 6.62 -18.36
CA LYS B 491 49.64 7.49 -17.21
C LYS B 491 50.06 6.79 -15.92
N LEU B 492 49.72 5.51 -15.78
CA LEU B 492 50.02 4.74 -14.57
C LEU B 492 51.44 4.21 -14.50
N GLY B 493 52.09 4.10 -15.65
CA GLY B 493 53.41 3.53 -15.79
C GLY B 493 53.31 2.02 -15.79
N VAL B 494 52.19 1.50 -16.33
CA VAL B 494 51.95 0.05 -16.44
C VAL B 494 52.67 -0.44 -17.72
N PRO B 495 53.40 -1.60 -17.72
CA PRO B 495 54.01 -2.10 -18.97
C PRO B 495 53.01 -2.16 -20.15
N PRO B 496 53.47 -1.86 -21.39
CA PRO B 496 52.53 -1.84 -22.53
C PRO B 496 51.92 -3.20 -22.88
N LEU B 497 50.72 -3.18 -23.50
CA LEU B 497 49.92 -4.35 -23.86
C LEU B 497 50.68 -5.51 -24.50
N ARG B 498 51.56 -5.21 -25.49
CA ARG B 498 52.36 -6.22 -26.19
C ARG B 498 53.23 -7.08 -25.24
N THR B 499 53.78 -6.45 -24.17
CA THR B 499 54.62 -7.13 -23.17
C THR B 499 53.86 -8.17 -22.35
N TRP B 500 52.54 -7.97 -22.16
CA TRP B 500 51.68 -8.87 -21.37
C TRP B 500 51.47 -10.23 -22.00
N ARG B 501 51.48 -10.29 -23.34
CA ARG B 501 51.34 -11.51 -24.15
C ARG B 501 52.44 -12.53 -23.77
N HIS B 502 53.68 -12.05 -23.54
CA HIS B 502 54.85 -12.86 -23.15
C HIS B 502 54.63 -13.49 -21.76
N ARG B 503 54.26 -12.68 -20.75
CA ARG B 503 53.97 -13.12 -19.39
C ARG B 503 52.77 -14.07 -19.42
N ALA B 504 51.77 -13.77 -20.27
CA ALA B 504 50.58 -14.60 -20.46
C ALA B 504 50.89 -15.98 -20.99
N ARG B 505 51.76 -16.10 -22.03
CA ARG B 505 52.20 -17.39 -22.59
C ARG B 505 52.91 -18.25 -21.54
N SER B 506 53.70 -17.61 -20.65
CA SER B 506 54.41 -18.30 -19.56
C SER B 506 53.41 -18.88 -18.53
N VAL B 507 52.49 -18.03 -18.00
CA VAL B 507 51.41 -18.35 -17.04
C VAL B 507 50.60 -19.49 -17.63
N ARG B 508 50.17 -19.32 -18.90
CA ARG B 508 49.39 -20.28 -19.67
C ARG B 508 50.03 -21.67 -19.66
N ALA B 509 51.32 -21.79 -20.05
CA ALA B 509 52.05 -23.07 -20.09
C ALA B 509 52.07 -23.79 -18.74
N LYS B 510 52.28 -23.03 -17.63
CA LYS B 510 52.28 -23.56 -16.27
C LYS B 510 50.89 -24.10 -15.86
N LEU B 511 49.79 -23.36 -16.15
CA LEU B 511 48.41 -23.77 -15.85
C LEU B 511 48.04 -25.06 -16.60
N LEU B 512 48.41 -25.15 -17.89
CA LEU B 512 48.16 -26.35 -18.72
C LEU B 512 48.84 -27.59 -18.14
N SER B 513 50.08 -27.42 -17.63
CA SER B 513 50.90 -28.49 -17.05
C SER B 513 50.32 -29.06 -15.75
N GLN B 514 49.43 -28.29 -15.08
CA GLN B 514 48.82 -28.70 -13.80
C GLN B 514 47.55 -29.51 -13.94
N GLY B 515 46.98 -29.59 -15.15
CA GLY B 515 45.74 -30.31 -15.42
C GLY B 515 44.51 -29.67 -14.76
N GLY B 516 43.42 -30.42 -14.74
CA GLY B 516 42.13 -30.04 -14.16
C GLY B 516 41.64 -28.64 -14.50
N ARG B 517 41.20 -27.91 -13.46
CA ARG B 517 40.66 -26.55 -13.57
C ARG B 517 41.73 -25.55 -14.01
N ALA B 518 43.00 -25.76 -13.57
CA ALA B 518 44.13 -24.91 -13.95
C ALA B 518 44.35 -24.96 -15.45
N ALA B 519 44.31 -26.18 -16.05
CA ALA B 519 44.46 -26.35 -17.51
C ALA B 519 43.31 -25.67 -18.25
N ILE B 520 42.07 -25.72 -17.69
CA ILE B 520 40.91 -25.02 -18.25
C ILE B 520 41.15 -23.50 -18.25
N CYS B 521 41.81 -22.96 -17.18
CA CYS B 521 42.20 -21.56 -17.05
C CYS B 521 43.21 -21.15 -18.12
N GLY B 522 44.26 -21.94 -18.29
CA GLY B 522 45.30 -21.71 -19.28
C GLY B 522 44.77 -21.64 -20.69
N ARG B 523 43.96 -22.65 -21.08
CA ARG B 523 43.36 -22.78 -22.41
C ARG B 523 42.43 -21.61 -22.76
N TYR B 524 41.35 -21.40 -21.98
CA TYR B 524 40.34 -20.36 -22.24
C TYR B 524 40.76 -18.94 -21.93
N LEU B 525 41.29 -18.69 -20.72
CA LEU B 525 41.68 -17.35 -20.29
C LEU B 525 42.82 -16.69 -21.06
N PHE B 526 43.77 -17.50 -21.57
CA PHE B 526 44.96 -16.98 -22.26
C PHE B 526 45.11 -17.41 -23.72
N ASN B 527 43.99 -17.82 -24.36
CA ASN B 527 43.99 -18.21 -25.76
C ASN B 527 44.39 -17.03 -26.66
N TRP B 528 44.16 -15.79 -26.19
CA TRP B 528 44.52 -14.55 -26.87
C TRP B 528 46.05 -14.33 -26.96
N ALA B 529 46.83 -15.01 -26.09
CA ALA B 529 48.29 -14.84 -26.02
C ALA B 529 49.11 -15.71 -26.94
N VAL B 530 48.58 -16.87 -27.31
CA VAL B 530 49.31 -17.80 -28.19
C VAL B 530 49.05 -17.57 -29.66
N ARG B 531 50.14 -17.42 -30.45
CA ARG B 531 50.00 -17.37 -31.91
C ARG B 531 49.65 -18.82 -32.23
N THR B 532 48.63 -19.02 -33.09
CA THR B 532 48.09 -20.32 -33.45
C THR B 532 47.16 -20.70 -32.29
N LYS B 533 45.96 -20.09 -32.31
CA LYS B 533 44.91 -20.28 -31.32
C LYS B 533 44.43 -21.73 -31.30
N LEU B 534 43.71 -22.09 -30.26
CA LEU B 534 43.22 -23.45 -30.11
C LEU B 534 41.74 -23.52 -30.52
N LYS B 535 41.08 -24.64 -30.21
CA LYS B 535 39.67 -24.89 -30.51
C LYS B 535 38.77 -23.87 -29.78
N LEU B 536 38.48 -24.14 -28.50
CA LEU B 536 37.63 -23.35 -27.58
C LEU B 536 36.16 -23.63 -27.87
N THR B 537 35.61 -24.55 -27.10
CA THR B 537 34.22 -25.00 -27.18
C THR B 537 33.56 -24.91 -25.80
N PRO B 538 32.20 -25.02 -25.68
CA PRO B 538 31.56 -25.00 -24.36
C PRO B 538 32.30 -25.83 -23.31
N ILE B 539 32.57 -25.20 -22.17
CA ILE B 539 33.29 -25.78 -21.03
C ILE B 539 32.37 -26.76 -20.27
N PRO B 540 32.91 -27.90 -19.77
CA PRO B 540 32.09 -28.83 -18.96
C PRO B 540 31.32 -28.18 -17.80
N ALA B 541 32.05 -27.72 -16.75
CA ALA B 541 31.48 -27.11 -15.54
C ALA B 541 30.82 -25.72 -15.67
N ALA B 542 30.46 -25.31 -16.90
CA ALA B 542 29.82 -24.02 -17.15
C ALA B 542 28.33 -24.02 -16.73
N SER B 543 27.51 -24.91 -17.33
CA SER B 543 26.07 -25.05 -17.07
C SER B 543 25.75 -25.56 -15.66
N GLN B 544 26.69 -26.29 -15.01
CA GLN B 544 26.53 -26.85 -13.67
C GLN B 544 26.44 -25.74 -12.61
N LEU B 545 27.31 -24.70 -12.73
CA LEU B 545 27.39 -23.54 -11.82
C LEU B 545 26.05 -22.93 -11.45
N ASP B 546 25.72 -22.93 -10.15
CA ASP B 546 24.49 -22.32 -9.67
C ASP B 546 24.73 -20.82 -9.59
N LEU B 547 24.48 -20.14 -10.71
CA LEU B 547 24.63 -18.70 -10.88
C LEU B 547 23.24 -18.06 -10.85
N SER B 548 22.26 -18.85 -10.36
CA SER B 548 20.87 -18.46 -10.19
C SER B 548 20.80 -17.54 -8.97
N GLY B 549 20.45 -16.28 -9.19
CA GLY B 549 20.39 -15.32 -8.09
C GLY B 549 21.57 -14.39 -8.01
N TRP B 550 22.47 -14.42 -9.02
CA TRP B 550 23.62 -13.52 -9.10
C TRP B 550 23.20 -12.12 -9.55
N PHE B 551 22.22 -12.06 -10.43
CA PHE B 551 21.74 -10.82 -11.00
C PHE B 551 20.24 -10.74 -10.83
N VAL B 552 19.82 -10.54 -9.59
CA VAL B 552 18.42 -10.40 -9.26
C VAL B 552 18.18 -8.97 -8.75
N ALA B 553 18.99 -8.55 -7.75
CA ALA B 553 18.87 -7.23 -7.12
C ALA B 553 20.23 -6.69 -6.71
N GLY B 554 20.29 -5.40 -6.45
CA GLY B 554 21.49 -4.74 -5.99
C GLY B 554 21.42 -4.63 -4.49
N TYR B 555 22.57 -4.77 -3.79
CA TYR B 555 22.61 -4.72 -2.32
C TYR B 555 23.75 -3.85 -1.77
N SER B 556 24.19 -2.82 -2.51
CA SER B 556 25.28 -1.94 -2.06
C SER B 556 24.96 -1.34 -0.68
N GLY B 557 25.86 -1.63 0.27
CA GLY B 557 25.74 -1.19 1.65
C GLY B 557 24.75 -1.99 2.48
N GLY B 558 24.07 -2.95 1.85
CA GLY B 558 23.04 -3.78 2.46
C GLY B 558 23.52 -4.95 3.28
N ASP B 559 24.87 -5.16 3.39
CA ASP B 559 25.47 -6.22 4.22
C ASP B 559 24.99 -7.63 3.79
N ILE B 560 25.12 -7.92 2.49
CA ILE B 560 24.63 -9.17 1.92
C ILE B 560 25.73 -10.11 1.49
N TYR B 561 25.62 -11.36 1.91
CA TYR B 561 26.54 -12.42 1.55
C TYR B 561 25.78 -13.49 0.81
N HIS B 562 26.17 -13.73 -0.45
CA HIS B 562 25.55 -14.74 -1.31
C HIS B 562 26.47 -15.95 -1.52
N SER B 563 26.44 -16.58 -2.73
CA SER B 563 27.20 -17.77 -3.13
C SER B 563 26.82 -19.00 -2.29
S1 08F C . -23.09 -2.70 7.79
O1 08F C . -22.69 -1.34 7.50
O2 08F C . -22.24 -3.79 7.33
S2 08F C . -26.89 1.70 6.79
O3 08F C . -27.36 2.37 8.00
O4 08F C . -25.56 1.84 6.27
C1 08F C . -32.10 3.48 4.98
C2 08F C . -32.70 2.68 1.95
C3 08F C . -32.73 2.21 0.65
C4 08F C . -31.61 2.33 2.79
C5 08F C . -30.57 1.50 2.27
N1 08F C . -29.67 1.31 3.27
C6 08F C . -30.09 1.95 4.43
C7 08F C . -31.29 2.62 4.12
C8 08F C . -31.70 1.41 0.13
C9 08F C . -30.60 1.03 0.93
C10 08F C . -29.38 1.88 5.70
C11 08F C . -28.42 0.52 3.15
O5 08F C . -29.95 1.80 6.79
C12 08F C . -31.39 4.62 5.70
N2 08F C . -32.20 5.45 6.51
C13 08F C . -33.55 5.27 6.66
C14 08F C . -34.19 4.28 6.03
C15 08F C . -33.44 3.36 5.16
O6 08F C . -30.18 4.81 5.55
N3 08F C . -27.99 1.87 5.54
C16 08F C . -26.95 -0.01 7.22
C17 08F C . -28.44 -0.88 3.69
C18 08F C . -27.28 -1.65 3.64
C19 08F C . -27.33 -2.92 4.17
N4 08F C . -28.46 -3.49 4.71
C20 08F C . -29.58 -2.74 4.76
C21 08F C . -29.62 -1.42 4.26
N5 08F C . -30.73 -3.30 5.32
CL1 08F C . -34.08 2.65 -0.34
C22 08F C . -28.12 -0.54 7.78
C23 08F C . -28.14 -1.90 8.12
C24 08F C . -27.00 -2.68 7.92
C25 08F C . -25.82 -2.15 7.34
C26 08F C . -25.79 -0.80 7.00
N6 08F C . -24.69 -3.04 7.17
C27 08F C . -23.17 -2.97 9.56
S1 08F D . 23.57 2.84 -5.00
O1 08F D . 24.19 2.20 -3.87
O2 08F D . 22.36 2.24 -5.51
S2 08F D . 26.72 -1.81 -7.01
O3 08F D . 27.77 -2.28 -6.12
O4 08F D . 25.32 -2.04 -6.78
C1 08F D . 30.53 -3.83 -10.85
C2 08F D . 29.55 -3.60 -13.88
C3 08F D . 28.92 -3.37 -15.11
C4 08F D . 28.96 -3.10 -12.70
C5 08F D . 27.74 -2.38 -12.78
N1 08F D . 27.40 -2.00 -11.50
C6 08F D . 28.38 -2.44 -10.60
C7 08F D . 29.34 -3.15 -11.34
C8 08F D . 27.71 -2.67 -15.18
C9 08F D . 27.09 -2.16 -14.03
C10 08F D . 28.36 -2.16 -9.17
C11 08F D . 26.20 -1.22 -11.13
O5 08F D . 29.36 -1.90 -8.51
C12 08F D . 30.36 -4.86 -9.74
N2 08F D . 31.53 -5.52 -9.30
C13 08F D . 32.77 -5.31 -9.82
C14 08F D . 32.94 -4.41 -10.81
C15 08F D . 31.79 -3.66 -11.34
O6 08F D . 29.26 -5.08 -9.25
N3 08F D . 27.07 -2.19 -8.61
C16 08F D . 26.85 -0.04 -6.92
C17 08F D . 26.46 0.22 -10.79
C18 08F D . 25.40 1.05 -10.35
C19 08F D . 25.69 2.37 -10.04
N4 08F D . 26.93 2.93 -10.17
C20 08F D . 27.96 2.14 -10.61
C21 08F D . 27.75 0.78 -10.93
N5 08F D . 29.23 2.70 -10.74
CL1 08F D . 29.69 -3.98 -16.54
C22 08F D . 28.10 0.55 -7.10
C23 08F D . 28.19 1.94 -7.02
C24 08F D . 27.04 2.71 -6.78
C25 08F D . 25.77 2.10 -6.60
C26 08F D . 25.67 0.71 -6.68
N6 08F D . 24.65 2.97 -6.36
C27 08F D . 23.10 4.51 -4.61
#